data_2VSG
#
_entry.id   2VSG
#
_cell.length_a   55.100
_cell.length_b   98.800
_cell.length_c   172.900
_cell.angle_alpha   90.00
_cell.angle_beta   90.00
_cell.angle_gamma   90.00
#
_symmetry.space_group_name_H-M   'P 21 21 21'
#
loop_
_entity.id
_entity.type
_entity.pdbx_description
1 polymer 'VARIANT SURFACE GLYCOPROTEIN ILTAT 1.24'
2 water water
#
_entity_poly.entity_id   1
_entity_poly.type   'polypeptide(L)'
_entity_poly.pdbx_seq_one_letter_code
;THFGVKYELWQPECELTAELRKTAGVAKMKVNSDLNSFKTLELTKMKLLTFAAKFPESKEALTLRALEAALNTDLRALRD
NIANGIDRAVRATAYASEAAGALFSGIQTLHDATDGTTYCLSASGQGSNGNAAMASQGCKPLALPELLTEDSYNTDVISD
KGFPKISPLTNAQGQGKSGECGLFQAASGAQATNTGVQFSGGSRINLGLGAIVASAAQQPTRPDLSDFSGTARNQADTLY
GKAHASITELLQLAQGPKPGQTEVETMKLLAQKTAALDSIKFQLAASTGKKTSDYKEDENLKTEYFGKTESNIEALWNKV
KEEKVKGADPEDPSKESKISDLNTEEQLQRVLDYYAVA
;
_entity_poly.pdbx_strand_id   A,B
#
# COMPACT_ATOMS: atom_id res chain seq x y z
N THR A 1 -19.90 40.29 18.07
CA THR A 1 -20.50 38.99 18.21
C THR A 1 -20.70 38.60 16.74
N HIS A 2 -21.29 37.43 16.48
CA HIS A 2 -21.64 37.01 15.12
C HIS A 2 -20.39 36.91 14.26
N PHE A 3 -19.37 36.25 14.82
CA PHE A 3 -18.06 36.17 14.20
C PHE A 3 -17.92 35.00 13.24
N GLY A 4 -17.19 35.21 12.14
CA GLY A 4 -16.70 34.11 11.33
C GLY A 4 -15.59 33.39 12.14
N VAL A 5 -14.96 32.33 11.61
CA VAL A 5 -13.86 31.66 12.31
C VAL A 5 -12.59 32.28 11.77
N LYS A 6 -11.60 32.51 12.62
CA LYS A 6 -10.42 33.26 12.24
C LYS A 6 -9.49 32.42 11.38
N TYR A 7 -8.91 33.11 10.39
CA TYR A 7 -7.94 32.56 9.47
C TYR A 7 -6.83 31.86 10.21
N GLU A 8 -6.37 32.41 11.33
CA GLU A 8 -5.33 31.76 12.08
C GLU A 8 -5.79 30.46 12.73
N LEU A 9 -7.10 30.22 12.90
CA LEU A 9 -7.50 28.88 13.32
C LEU A 9 -7.77 27.97 12.11
N TRP A 10 -8.40 28.45 11.03
CA TRP A 10 -8.72 27.53 9.97
C TRP A 10 -7.62 27.28 8.92
N GLN A 11 -6.87 28.29 8.46
CA GLN A 11 -5.85 28.09 7.44
C GLN A 11 -4.80 27.05 7.84
N PRO A 12 -4.15 27.07 9.03
CA PRO A 12 -3.18 26.06 9.45
C PRO A 12 -3.75 24.67 9.27
N GLU A 13 -5.05 24.52 9.51
CA GLU A 13 -5.72 23.25 9.35
C GLU A 13 -5.87 22.84 7.88
N CYS A 14 -6.07 23.80 6.97
CA CYS A 14 -6.13 23.47 5.56
C CYS A 14 -4.79 22.96 5.05
N GLU A 15 -3.69 23.63 5.42
CA GLU A 15 -2.37 23.18 5.03
C GLU A 15 -2.05 21.85 5.69
N LEU A 16 -2.39 21.62 6.96
CA LEU A 16 -2.17 20.30 7.53
C LEU A 16 -2.89 19.22 6.68
N THR A 17 -4.03 19.53 6.07
CA THR A 17 -4.77 18.59 5.24
C THR A 17 -3.96 18.16 3.98
N ALA A 18 -3.51 19.15 3.24
CA ALA A 18 -2.70 18.95 2.07
C ALA A 18 -1.37 18.27 2.43
N GLU A 19 -0.91 18.40 3.66
CA GLU A 19 0.33 17.75 4.04
C GLU A 19 0.05 16.28 4.31
N LEU A 20 -1.00 15.98 5.07
CA LEU A 20 -1.36 14.62 5.38
C LEU A 20 -1.66 13.82 4.10
N ARG A 21 -2.16 14.49 3.07
CA ARG A 21 -2.45 13.86 1.81
C ARG A 21 -1.22 13.38 1.05
N LYS A 22 -0.03 13.74 1.53
CA LYS A 22 1.21 13.26 0.95
C LYS A 22 1.51 11.86 1.38
N THR A 23 0.86 11.34 2.41
CA THR A 23 1.19 10.02 2.91
C THR A 23 1.10 8.97 1.82
N ALA A 24 0.15 9.05 0.90
CA ALA A 24 0.03 8.10 -0.20
C ALA A 24 1.34 8.03 -0.97
N GLY A 25 1.81 9.18 -1.46
CA GLY A 25 2.99 9.27 -2.30
C GLY A 25 4.22 8.80 -1.57
N VAL A 26 4.35 9.30 -0.34
CA VAL A 26 5.45 8.99 0.53
C VAL A 26 5.48 7.50 0.77
N ALA A 27 4.38 6.90 1.18
CA ALA A 27 4.38 5.48 1.50
C ALA A 27 4.68 4.62 0.28
N LYS A 28 4.22 5.10 -0.85
CA LYS A 28 4.46 4.40 -2.08
C LYS A 28 5.94 4.43 -2.42
N MET A 29 6.65 5.56 -2.24
CA MET A 29 8.05 5.59 -2.63
C MET A 29 8.89 4.75 -1.67
N LYS A 30 8.48 4.63 -0.43
CA LYS A 30 9.21 3.80 0.48
C LYS A 30 9.15 2.37 0.04
N VAL A 31 8.03 1.84 -0.45
CA VAL A 31 8.02 0.43 -0.86
C VAL A 31 8.59 0.27 -2.26
N ASN A 32 8.37 1.25 -3.11
CA ASN A 32 8.85 1.18 -4.47
C ASN A 32 10.34 1.20 -4.49
N SER A 33 11.03 1.91 -3.60
CA SER A 33 12.49 1.89 -3.59
C SER A 33 13.03 0.50 -3.32
N ASP A 34 12.41 -0.23 -2.42
CA ASP A 34 12.82 -1.58 -2.23
C ASP A 34 12.60 -2.47 -3.46
N LEU A 35 11.59 -2.19 -4.31
CA LEU A 35 11.28 -3.05 -5.44
C LEU A 35 12.24 -2.70 -6.51
N ASN A 36 12.43 -1.43 -6.81
CA ASN A 36 13.48 -1.05 -7.72
C ASN A 36 14.85 -1.61 -7.36
N SER A 37 15.11 -1.82 -6.07
CA SER A 37 16.40 -2.35 -5.73
C SER A 37 16.38 -3.80 -6.15
N PHE A 38 15.31 -4.52 -5.84
CA PHE A 38 15.18 -5.93 -6.17
C PHE A 38 15.32 -6.17 -7.67
N LYS A 39 14.66 -5.31 -8.46
CA LYS A 39 14.79 -5.34 -9.91
C LYS A 39 16.23 -5.16 -10.34
N THR A 40 16.89 -4.08 -9.99
CA THR A 40 18.26 -3.90 -10.39
C THR A 40 19.19 -5.02 -9.92
N LEU A 41 18.96 -5.63 -8.77
CA LEU A 41 19.90 -6.61 -8.30
C LEU A 41 19.70 -7.94 -8.96
N GLU A 42 18.49 -8.24 -9.40
CA GLU A 42 18.22 -9.51 -10.04
C GLU A 42 18.83 -9.54 -11.43
N LEU A 43 18.82 -8.40 -12.13
CA LEU A 43 19.49 -8.34 -13.39
C LEU A 43 20.95 -8.66 -13.12
N THR A 44 21.61 -7.90 -12.23
CA THR A 44 22.99 -8.15 -11.85
C THR A 44 23.29 -9.58 -11.38
N LYS A 45 22.40 -10.30 -10.72
CA LYS A 45 22.69 -11.68 -10.35
C LYS A 45 22.73 -12.58 -11.60
N MET A 46 21.88 -12.31 -12.60
CA MET A 46 21.93 -12.97 -13.89
C MET A 46 23.28 -12.67 -14.49
N LYS A 47 23.69 -11.40 -14.56
CA LYS A 47 24.96 -11.10 -15.16
C LYS A 47 26.15 -11.77 -14.46
N LEU A 48 26.07 -12.12 -13.17
CA LEU A 48 27.20 -12.73 -12.48
C LEU A 48 27.23 -14.13 -13.01
N LEU A 49 26.05 -14.76 -12.89
CA LEU A 49 25.88 -16.15 -13.20
C LEU A 49 26.32 -16.64 -14.58
N THR A 50 26.37 -15.79 -15.60
CA THR A 50 26.71 -16.27 -16.93
C THR A 50 28.20 -16.62 -17.02
N PHE A 51 29.10 -15.80 -16.45
CA PHE A 51 30.53 -16.11 -16.45
C PHE A 51 30.78 -17.37 -15.65
N ALA A 52 30.08 -17.54 -14.56
CA ALA A 52 30.28 -18.71 -13.75
C ALA A 52 29.70 -19.91 -14.45
N ALA A 53 28.74 -19.71 -15.33
CA ALA A 53 28.15 -20.83 -16.04
C ALA A 53 29.14 -21.34 -17.10
N LYS A 54 29.82 -20.38 -17.73
CA LYS A 54 30.82 -20.66 -18.74
C LYS A 54 32.01 -21.39 -18.15
N PHE A 55 32.73 -20.82 -17.19
CA PHE A 55 33.87 -21.45 -16.58
C PHE A 55 33.52 -21.95 -15.19
N PRO A 56 32.64 -22.94 -14.96
CA PRO A 56 32.23 -23.40 -13.64
C PRO A 56 33.25 -23.93 -12.67
N GLU A 57 34.54 -23.72 -12.90
CA GLU A 57 35.55 -24.23 -12.00
C GLU A 57 36.68 -23.24 -11.84
N SER A 58 36.54 -22.00 -12.32
CA SER A 58 37.62 -21.06 -12.13
C SER A 58 37.70 -20.59 -10.69
N LYS A 59 38.72 -19.82 -10.30
CA LYS A 59 38.67 -19.20 -8.98
C LYS A 59 37.58 -18.16 -9.09
N GLU A 60 37.46 -17.49 -10.23
CA GLU A 60 36.41 -16.52 -10.47
C GLU A 60 35.00 -17.07 -10.27
N ALA A 61 34.66 -18.21 -10.85
CA ALA A 61 33.33 -18.78 -10.66
C ALA A 61 33.04 -19.00 -9.19
N LEU A 62 34.07 -19.28 -8.40
CA LEU A 62 33.94 -19.42 -6.94
C LEU A 62 33.63 -18.05 -6.31
N THR A 63 34.44 -17.04 -6.64
CA THR A 63 34.27 -15.66 -6.23
C THR A 63 32.87 -15.13 -6.54
N LEU A 64 32.39 -15.35 -7.77
CA LEU A 64 31.08 -14.87 -8.23
C LEU A 64 29.98 -15.69 -7.60
N ARG A 65 30.16 -16.98 -7.36
CA ARG A 65 29.12 -17.74 -6.69
C ARG A 65 28.93 -17.22 -5.28
N ALA A 66 30.04 -16.93 -4.60
CA ALA A 66 30.02 -16.32 -3.30
C ALA A 66 29.30 -14.97 -3.35
N LEU A 67 29.73 -14.08 -4.23
CA LEU A 67 29.02 -12.83 -4.43
C LEU A 67 27.51 -12.99 -4.68
N GLU A 68 27.04 -14.03 -5.36
CA GLU A 68 25.61 -14.19 -5.56
C GLU A 68 24.97 -14.67 -4.27
N ALA A 69 25.69 -15.36 -3.37
CA ALA A 69 25.11 -15.80 -2.11
C ALA A 69 24.96 -14.64 -1.12
N ALA A 70 25.86 -13.67 -1.20
CA ALA A 70 25.71 -12.44 -0.45
C ALA A 70 24.48 -11.77 -1.04
N LEU A 71 24.42 -11.59 -2.36
CA LEU A 71 23.31 -10.91 -3.05
C LEU A 71 21.97 -11.59 -2.86
N ASN A 72 21.99 -12.87 -2.60
CA ASN A 72 20.74 -13.57 -2.40
C ASN A 72 20.17 -13.32 -1.05
N THR A 73 20.98 -13.11 0.02
CA THR A 73 20.42 -12.81 1.33
C THR A 73 19.82 -11.41 1.24
N ASP A 74 20.54 -10.48 0.61
CA ASP A 74 19.98 -9.19 0.29
C ASP A 74 18.61 -9.20 -0.36
N LEU A 75 18.38 -9.90 -1.48
CA LEU A 75 17.04 -9.98 -2.05
C LEU A 75 16.07 -10.59 -1.05
N ARG A 76 16.44 -11.50 -0.15
CA ARG A 76 15.46 -12.05 0.78
C ARG A 76 15.11 -10.94 1.81
N ALA A 77 16.10 -10.11 2.15
CA ALA A 77 15.97 -9.00 3.07
C ALA A 77 15.05 -7.95 2.48
N LEU A 78 15.24 -7.68 1.20
CA LEU A 78 14.42 -6.79 0.42
C LEU A 78 13.00 -7.35 0.39
N ARG A 79 12.79 -8.66 0.34
CA ARG A 79 11.45 -9.17 0.29
C ARG A 79 10.76 -9.03 1.62
N ASP A 80 11.54 -9.12 2.68
CA ASP A 80 11.05 -8.95 4.03
C ASP A 80 10.62 -7.51 4.19
N ASN A 81 11.43 -6.58 3.69
CA ASN A 81 11.17 -5.18 3.87
C ASN A 81 9.98 -4.70 3.08
N ILE A 82 9.74 -5.21 1.87
CA ILE A 82 8.59 -4.84 1.05
C ILE A 82 7.35 -5.31 1.79
N ALA A 83 7.34 -6.52 2.32
CA ALA A 83 6.15 -7.03 2.97
C ALA A 83 5.77 -6.16 4.16
N ASN A 84 6.85 -5.72 4.82
CA ASN A 84 6.75 -4.92 6.01
C ASN A 84 6.38 -3.49 5.62
N GLY A 85 6.76 -3.06 4.44
CA GLY A 85 6.43 -1.75 3.96
C GLY A 85 4.96 -1.73 3.65
N ILE A 86 4.40 -2.75 2.95
CA ILE A 86 2.99 -2.75 2.59
C ILE A 86 2.14 -2.45 3.81
N ASP A 87 2.39 -3.20 4.89
CA ASP A 87 1.64 -3.01 6.12
C ASP A 87 1.78 -1.59 6.69
N ARG A 88 2.98 -1.06 6.83
CA ARG A 88 3.14 0.29 7.31
C ARG A 88 2.55 1.31 6.33
N ALA A 89 2.53 1.02 5.03
CA ALA A 89 2.17 2.03 4.03
C ALA A 89 0.67 2.20 3.99
N VAL A 90 -0.04 1.13 4.27
CA VAL A 90 -1.46 1.17 4.21
C VAL A 90 -2.02 1.74 5.52
N ARG A 91 -1.65 1.24 6.72
CA ARG A 91 -2.06 1.87 7.97
C ARG A 91 -1.75 3.37 8.03
N ALA A 92 -0.57 3.86 7.64
CA ALA A 92 -0.33 5.29 7.69
C ALA A 92 -1.20 6.01 6.68
N THR A 93 -1.48 5.47 5.47
CA THR A 93 -2.45 6.15 4.58
C THR A 93 -3.87 6.10 5.19
N ALA A 94 -4.27 5.00 5.84
CA ALA A 94 -5.57 4.92 6.46
C ALA A 94 -5.71 6.04 7.50
N TYR A 95 -4.88 6.08 8.57
CA TYR A 95 -4.91 7.14 9.54
C TYR A 95 -4.69 8.52 8.96
N ALA A 96 -3.61 8.81 8.23
CA ALA A 96 -3.45 10.16 7.75
C ALA A 96 -4.60 10.61 6.86
N SER A 97 -5.46 9.71 6.36
CA SER A 97 -6.54 10.12 5.48
C SER A 97 -7.86 10.33 6.20
N GLU A 98 -8.26 9.49 7.15
CA GLU A 98 -9.35 9.81 8.06
C GLU A 98 -9.10 11.24 8.62
N ALA A 99 -7.88 11.59 9.02
CA ALA A 99 -7.56 12.93 9.49
C ALA A 99 -7.73 13.98 8.40
N ALA A 100 -7.23 13.81 7.20
CA ALA A 100 -7.42 14.83 6.16
C ALA A 100 -8.88 14.96 5.77
N GLY A 101 -9.61 13.87 5.74
CA GLY A 101 -11.02 13.86 5.41
C GLY A 101 -11.80 14.62 6.46
N ALA A 102 -11.54 14.32 7.73
CA ALA A 102 -12.21 15.01 8.82
C ALA A 102 -11.85 16.50 8.85
N LEU A 103 -10.64 16.88 8.46
CA LEU A 103 -10.28 18.26 8.55
C LEU A 103 -10.99 18.99 7.47
N PHE A 104 -10.90 18.57 6.23
CA PHE A 104 -11.58 19.28 5.15
C PHE A 104 -13.09 19.28 5.36
N SER A 105 -13.67 18.22 5.89
CA SER A 105 -15.07 18.12 6.23
C SER A 105 -15.60 19.30 7.07
N GLY A 106 -15.04 19.46 8.28
CA GLY A 106 -15.40 20.51 9.19
C GLY A 106 -15.25 21.83 8.49
N ILE A 107 -14.15 22.11 7.81
CA ILE A 107 -14.02 23.45 7.27
C ILE A 107 -14.96 23.63 6.10
N GLN A 108 -15.36 22.55 5.43
CA GLN A 108 -16.32 22.63 4.34
C GLN A 108 -17.64 23.19 4.83
N THR A 109 -18.05 22.72 6.02
CA THR A 109 -19.20 23.18 6.76
C THR A 109 -19.13 24.69 6.98
N LEU A 110 -18.04 25.26 7.48
CA LEU A 110 -17.96 26.70 7.67
C LEU A 110 -18.10 27.40 6.33
N HIS A 111 -17.57 26.80 5.27
CA HIS A 111 -17.64 27.32 3.91
C HIS A 111 -19.05 27.50 3.41
N ASP A 112 -19.89 26.54 3.72
CA ASP A 112 -21.24 26.57 3.19
C ASP A 112 -22.21 27.37 4.02
N ALA A 113 -21.79 27.84 5.21
CA ALA A 113 -22.61 28.74 6.00
C ALA A 113 -22.20 30.13 5.59
N THR A 114 -22.69 30.49 4.43
CA THR A 114 -22.55 31.82 3.88
C THR A 114 -23.93 32.13 3.33
N ASP A 115 -24.15 33.32 2.81
CA ASP A 115 -25.40 33.73 2.17
C ASP A 115 -24.99 34.56 0.98
N GLY A 116 -23.69 34.55 0.70
CA GLY A 116 -23.15 35.36 -0.36
C GLY A 116 -23.06 36.81 0.08
N THR A 117 -22.83 37.07 1.36
CA THR A 117 -22.65 38.43 1.83
C THR A 117 -21.76 38.37 3.05
N THR A 118 -22.14 37.60 4.06
CA THR A 118 -21.25 37.36 5.17
C THR A 118 -20.74 35.93 5.11
N TYR A 119 -19.67 35.65 5.85
CA TYR A 119 -18.97 34.37 5.82
C TYR A 119 -18.62 33.88 7.20
N CYS A 120 -18.77 32.60 7.43
CA CYS A 120 -18.37 31.97 8.66
C CYS A 120 -16.88 31.63 8.74
N LEU A 121 -16.10 31.86 7.71
CA LEU A 121 -14.65 31.75 7.82
C LEU A 121 -14.12 33.13 7.46
N SER A 122 -13.21 33.66 8.23
CA SER A 122 -12.74 34.99 7.97
C SER A 122 -11.49 34.94 7.12
N ALA A 123 -11.27 35.98 6.33
CA ALA A 123 -10.07 36.08 5.53
C ALA A 123 -8.94 36.59 6.43
N SER A 124 -7.72 36.59 5.90
CA SER A 124 -6.58 37.09 6.65
C SER A 124 -6.76 38.56 7.00
N GLY A 125 -6.36 38.93 8.21
CA GLY A 125 -6.50 40.31 8.66
C GLY A 125 -7.96 40.68 8.98
N GLN A 126 -8.61 39.76 9.71
CA GLN A 126 -10.00 39.87 10.11
C GLN A 126 -10.99 40.24 9.03
N GLY A 127 -10.62 40.04 7.76
CA GLY A 127 -11.51 40.33 6.67
C GLY A 127 -12.67 39.35 6.69
N SER A 128 -13.69 39.67 5.92
CA SER A 128 -14.88 38.84 5.87
C SER A 128 -14.69 37.53 5.11
N ASN A 129 -14.20 37.63 3.88
CA ASN A 129 -14.22 36.49 2.98
C ASN A 129 -13.13 35.43 3.09
N GLY A 130 -13.27 34.52 4.05
CA GLY A 130 -12.34 33.40 4.20
C GLY A 130 -12.65 32.32 3.17
N ASN A 131 -13.92 32.27 2.77
CA ASN A 131 -14.40 31.32 1.78
C ASN A 131 -13.58 31.30 0.49
N ALA A 132 -13.03 32.43 0.05
CA ALA A 132 -12.29 32.48 -1.20
C ALA A 132 -10.83 32.07 -1.05
N ALA A 133 -10.34 31.98 0.18
CA ALA A 133 -8.96 31.65 0.41
C ALA A 133 -8.76 30.16 0.68
N MET A 134 -9.88 29.47 0.91
CA MET A 134 -9.91 28.08 1.34
C MET A 134 -9.08 27.08 0.55
N ALA A 135 -9.35 26.88 -0.74
CA ALA A 135 -8.62 25.88 -1.52
C ALA A 135 -7.14 26.17 -1.65
N SER A 136 -6.78 27.44 -1.84
CA SER A 136 -5.39 27.86 -1.95
C SER A 136 -4.62 27.52 -0.70
N GLN A 137 -5.31 27.33 0.41
CA GLN A 137 -4.63 26.99 1.63
C GLN A 137 -4.55 25.49 1.85
N GLY A 138 -5.17 24.74 0.95
CA GLY A 138 -5.13 23.30 1.00
C GLY A 138 -6.50 22.66 1.16
N CYS A 139 -7.57 23.39 1.44
CA CYS A 139 -8.84 22.72 1.60
C CYS A 139 -9.54 22.66 0.25
N LYS A 140 -9.35 21.54 -0.45
CA LYS A 140 -10.02 21.29 -1.71
C LYS A 140 -10.25 19.79 -1.83
N PRO A 141 -11.12 19.27 -2.70
CA PRO A 141 -11.38 17.85 -2.83
C PRO A 141 -10.16 17.04 -3.26
N LEU A 142 -10.14 15.77 -2.83
CA LEU A 142 -9.01 14.89 -3.10
C LEU A 142 -8.94 14.48 -4.56
N ALA A 143 -7.90 14.93 -5.21
CA ALA A 143 -7.67 14.53 -6.56
C ALA A 143 -6.24 14.02 -6.58
N LEU A 144 -6.08 12.71 -6.35
CA LEU A 144 -4.75 12.10 -6.38
C LEU A 144 -4.21 12.16 -7.81
N PRO A 145 -2.97 12.59 -7.99
CA PRO A 145 -2.37 12.74 -9.30
C PRO A 145 -1.97 11.42 -9.93
N GLU A 146 -1.56 11.56 -11.18
CA GLU A 146 -0.90 10.49 -11.90
C GLU A 146 0.52 10.62 -11.35
N LEU A 147 1.16 9.52 -10.98
CA LEU A 147 2.51 9.54 -10.37
C LEU A 147 2.52 10.24 -9.02
N LEU A 148 2.30 9.44 -7.99
CA LEU A 148 2.41 9.92 -6.64
C LEU A 148 3.92 10.15 -6.44
N THR A 149 4.41 11.34 -6.75
CA THR A 149 5.82 11.62 -6.56
C THR A 149 5.98 12.18 -5.17
N GLU A 150 6.47 11.42 -4.18
CA GLU A 150 6.69 12.08 -2.90
C GLU A 150 7.63 11.33 -2.01
N ASP A 151 8.58 12.08 -1.47
CA ASP A 151 9.46 11.60 -0.42
C ASP A 151 9.48 12.64 0.68
N SER A 152 8.83 13.76 0.44
CA SER A 152 9.09 14.91 1.27
C SER A 152 7.87 15.52 1.93
N TYR A 153 7.63 15.11 3.18
CA TYR A 153 6.69 15.84 4.01
C TYR A 153 7.43 17.10 4.45
N ASN A 154 6.77 18.24 4.60
CA ASN A 154 7.44 19.38 5.22
C ASN A 154 7.43 19.18 6.74
N THR A 155 8.62 19.27 7.30
CA THR A 155 8.87 19.00 8.69
C THR A 155 8.27 20.01 9.66
N ASP A 156 8.17 21.29 9.30
CA ASP A 156 7.54 22.23 10.22
C ASP A 156 6.02 22.12 10.18
N VAL A 157 5.49 21.45 9.16
CA VAL A 157 4.07 21.20 9.11
C VAL A 157 3.83 19.84 9.78
N ILE A 158 4.72 18.84 9.67
CA ILE A 158 4.61 17.54 10.36
C ILE A 158 5.98 17.15 10.93
N SER A 159 6.20 17.29 12.22
CA SER A 159 7.48 16.98 12.82
C SER A 159 7.49 15.54 13.32
N ASP A 160 8.59 15.16 13.94
CA ASP A 160 8.76 13.90 14.64
C ASP A 160 8.01 13.91 15.97
N LYS A 161 7.61 15.11 16.44
CA LYS A 161 6.89 15.26 17.69
C LYS A 161 5.39 15.46 17.52
N GLY A 162 4.94 16.17 16.50
CA GLY A 162 3.52 16.38 16.26
C GLY A 162 3.31 17.29 15.05
N PHE A 163 2.19 18.02 14.97
CA PHE A 163 1.92 18.91 13.85
C PHE A 163 2.12 20.35 14.33
N PRO A 164 3.40 20.78 14.42
CA PRO A 164 3.88 22.08 14.92
C PRO A 164 2.97 23.30 14.88
N LYS A 165 2.61 23.78 13.69
CA LYS A 165 1.83 24.99 13.56
C LYS A 165 0.45 24.90 14.19
N ILE A 166 -0.02 23.76 14.72
CA ILE A 166 -1.33 23.88 15.32
C ILE A 166 -1.29 23.82 16.86
N SER A 167 -1.07 25.10 17.17
CA SER A 167 -1.00 25.71 18.48
C SER A 167 -2.41 25.89 18.98
N PRO A 168 -2.70 25.56 20.25
CA PRO A 168 -4.03 25.69 20.83
C PRO A 168 -4.51 27.12 20.79
N LEU A 169 -5.82 27.26 20.61
CA LEU A 169 -6.50 28.53 20.72
C LEU A 169 -7.54 28.22 21.77
N THR A 170 -7.67 29.07 22.79
CA THR A 170 -8.49 28.72 23.95
C THR A 170 -9.78 29.42 24.29
N ASN A 171 -9.95 30.68 23.90
CA ASN A 171 -11.23 31.32 24.09
C ASN A 171 -11.44 32.37 23.03
N ALA A 172 -11.01 33.62 23.20
CA ALA A 172 -11.28 34.58 22.16
C ALA A 172 -10.48 34.41 20.87
N GLN A 173 -9.40 33.59 20.82
CA GLN A 173 -8.51 33.65 19.64
C GLN A 173 -9.07 33.05 18.37
N GLY A 174 -10.15 32.26 18.45
CA GLY A 174 -10.74 31.72 17.24
C GLY A 174 -11.63 32.70 16.50
N GLN A 175 -12.03 33.80 17.15
CA GLN A 175 -13.02 34.68 16.59
C GLN A 175 -12.46 35.48 15.45
N GLY A 176 -13.15 35.46 14.31
CA GLY A 176 -12.70 36.19 13.15
C GLY A 176 -13.42 37.51 13.11
N LYS A 177 -13.91 37.89 11.95
CA LYS A 177 -14.68 39.12 11.82
C LYS A 177 -16.06 39.00 12.45
N SER A 178 -16.40 39.97 13.30
CA SER A 178 -17.75 40.05 13.83
C SER A 178 -18.74 40.51 12.77
N GLY A 179 -20.00 40.14 13.00
CA GLY A 179 -21.10 40.55 12.15
C GLY A 179 -20.97 39.89 10.81
N GLU A 180 -20.94 38.56 10.88
CA GLU A 180 -20.63 37.69 9.77
C GLU A 180 -21.32 36.32 9.87
N CYS A 181 -21.33 35.69 11.03
CA CYS A 181 -21.75 34.31 11.13
C CYS A 181 -22.56 34.12 12.40
N GLY A 182 -23.69 33.46 12.34
CA GLY A 182 -24.47 33.21 13.53
C GLY A 182 -24.40 31.76 13.90
N LEU A 183 -23.26 31.10 13.75
CA LEU A 183 -23.17 29.68 14.06
C LEU A 183 -22.81 29.43 15.51
N PHE A 184 -21.91 30.26 16.02
CA PHE A 184 -21.44 30.13 17.37
C PHE A 184 -22.26 30.99 18.33
N GLN A 185 -23.26 31.73 17.81
CA GLN A 185 -24.17 32.51 18.64
C GLN A 185 -25.07 31.56 19.40
N ALA A 186 -25.18 31.73 20.71
CA ALA A 186 -25.99 30.83 21.51
C ALA A 186 -27.45 30.87 21.16
N ALA A 187 -28.10 29.72 21.29
CA ALA A 187 -29.54 29.65 21.05
C ALA A 187 -30.23 30.35 22.19
N SER A 188 -31.39 30.98 21.95
CA SER A 188 -32.04 31.74 22.99
C SER A 188 -32.78 30.90 24.01
N GLY A 189 -32.47 29.61 24.12
CA GLY A 189 -33.07 28.69 25.07
C GLY A 189 -32.77 27.30 24.55
N ALA A 190 -33.28 26.29 25.27
CA ALA A 190 -33.23 24.88 24.92
C ALA A 190 -33.35 24.67 23.42
N GLN A 191 -32.41 23.94 22.83
CA GLN A 191 -32.41 23.68 21.38
C GLN A 191 -33.67 22.92 20.96
N ALA A 192 -34.30 22.19 21.91
CA ALA A 192 -35.61 21.57 21.68
C ALA A 192 -36.63 22.55 21.11
N THR A 193 -36.53 23.84 21.44
CA THR A 193 -37.49 24.80 20.97
C THR A 193 -36.81 26.03 20.45
N ASN A 194 -35.49 26.17 20.48
CA ASN A 194 -34.88 27.33 19.83
C ASN A 194 -34.00 26.93 18.67
N THR A 195 -33.44 27.89 17.95
CA THR A 195 -32.60 27.71 16.77
C THR A 195 -31.16 27.66 17.27
N GLY A 196 -30.28 26.77 16.81
CA GLY A 196 -28.88 26.78 17.18
C GLY A 196 -28.59 25.82 18.30
N VAL A 197 -27.45 26.05 18.91
CA VAL A 197 -26.91 25.26 20.00
C VAL A 197 -26.94 26.26 21.16
N GLN A 198 -27.47 25.93 22.33
CA GLN A 198 -27.44 26.91 23.39
C GLN A 198 -26.14 26.85 24.18
N PHE A 199 -25.38 25.77 24.10
CA PHE A 199 -24.17 25.57 24.85
C PHE A 199 -24.52 25.48 26.33
N SER A 200 -25.37 24.52 26.67
CA SER A 200 -25.62 24.18 28.05
C SER A 200 -25.95 22.72 28.06
N GLY A 201 -25.75 22.05 29.20
CA GLY A 201 -26.04 20.63 29.33
C GLY A 201 -24.96 19.79 28.69
N GLY A 202 -24.00 20.46 28.06
CA GLY A 202 -22.92 19.84 27.34
C GLY A 202 -23.04 19.96 25.82
N SER A 203 -23.54 21.05 25.26
CA SER A 203 -23.66 21.09 23.84
C SER A 203 -22.56 21.92 23.27
N ARG A 204 -21.68 21.33 22.46
CA ARG A 204 -20.71 22.13 21.74
C ARG A 204 -20.95 21.95 20.27
N ILE A 205 -20.48 22.89 19.46
CA ILE A 205 -20.40 22.70 18.04
C ILE A 205 -19.08 21.98 17.85
N ASN A 206 -19.13 20.67 17.58
CA ASN A 206 -17.90 19.90 17.38
C ASN A 206 -17.67 19.70 15.90
N LEU A 207 -16.79 20.47 15.30
CA LEU A 207 -16.46 20.31 13.91
C LEU A 207 -15.07 19.65 13.74
N GLY A 208 -14.91 18.96 12.59
CA GLY A 208 -13.67 18.31 12.18
C GLY A 208 -13.26 17.21 13.14
N LEU A 209 -14.20 16.48 13.73
CA LEU A 209 -13.85 15.50 14.78
C LEU A 209 -12.87 16.03 15.83
N GLY A 210 -13.11 17.20 16.47
CA GLY A 210 -12.20 17.76 17.46
C GLY A 210 -11.37 18.94 16.92
N ALA A 211 -11.16 19.03 15.63
CA ALA A 211 -10.31 20.07 15.13
C ALA A 211 -10.88 21.46 15.33
N ILE A 212 -12.21 21.66 15.40
CA ILE A 212 -12.79 22.98 15.71
C ILE A 212 -13.99 22.82 16.67
N VAL A 213 -13.75 23.00 17.97
CA VAL A 213 -14.77 22.89 19.00
C VAL A 213 -15.15 24.25 19.60
N ALA A 214 -16.43 24.59 19.65
CA ALA A 214 -16.94 25.76 20.37
C ALA A 214 -17.82 25.18 21.45
N SER A 215 -17.31 25.20 22.65
CA SER A 215 -18.02 24.75 23.82
C SER A 215 -18.77 25.88 24.56
N ALA A 216 -18.44 27.13 24.21
CA ALA A 216 -19.05 28.32 24.75
C ALA A 216 -19.41 29.25 23.62
N ALA A 217 -20.55 29.94 23.71
CA ALA A 217 -20.99 30.84 22.66
C ALA A 217 -19.96 31.88 22.31
N GLN A 218 -20.03 32.43 21.10
CA GLN A 218 -19.10 33.43 20.59
C GLN A 218 -17.72 32.84 20.24
N GLN A 219 -17.32 31.66 20.73
CA GLN A 219 -15.88 31.29 20.63
C GLN A 219 -15.34 29.90 20.19
N PRO A 220 -14.90 29.80 18.93
CA PRO A 220 -14.30 28.63 18.29
C PRO A 220 -12.89 28.30 18.84
N THR A 221 -12.55 27.04 19.12
CA THR A 221 -11.21 26.72 19.57
C THR A 221 -10.63 25.61 18.70
N ARG A 222 -9.45 25.11 19.09
CA ARG A 222 -8.65 24.15 18.37
C ARG A 222 -7.81 23.43 19.42
N PRO A 223 -7.47 22.13 19.34
CA PRO A 223 -6.66 21.47 20.35
C PRO A 223 -5.19 21.84 20.18
N ASP A 224 -4.34 21.36 21.10
CA ASP A 224 -2.90 21.49 20.96
C ASP A 224 -2.56 20.23 20.19
N LEU A 225 -2.30 20.26 18.89
CA LEU A 225 -1.93 19.02 18.25
C LEU A 225 -0.50 19.22 17.77
N SER A 226 0.37 19.37 18.78
CA SER A 226 1.76 19.63 18.50
C SER A 226 2.81 18.90 19.33
N ASP A 227 2.48 17.89 20.14
CA ASP A 227 3.52 17.14 20.82
C ASP A 227 2.93 15.97 21.58
N PHE A 228 2.73 14.85 20.93
CA PHE A 228 1.99 13.77 21.56
C PHE A 228 2.81 13.01 22.62
N SER A 229 4.04 13.47 22.82
CA SER A 229 5.01 12.93 23.77
C SER A 229 5.07 13.70 25.09
N GLY A 230 4.87 15.02 24.97
CA GLY A 230 4.97 15.91 26.09
C GLY A 230 3.79 16.86 26.04
N THR A 231 4.03 18.05 25.52
CA THR A 231 3.08 19.17 25.46
C THR A 231 1.58 18.88 25.21
N ALA A 232 1.28 17.93 24.31
CA ALA A 232 -0.07 17.58 23.87
C ALA A 232 -0.32 16.10 24.11
N ARG A 233 0.33 15.54 25.12
CA ARG A 233 0.29 14.12 25.38
C ARG A 233 -1.11 13.58 25.42
N ASN A 234 -1.96 14.34 26.07
CA ASN A 234 -3.38 14.12 26.18
C ASN A 234 -4.05 13.87 24.84
N GLN A 235 -3.58 14.46 23.74
CA GLN A 235 -4.14 14.21 22.42
C GLN A 235 -3.55 13.04 21.67
N ALA A 236 -2.60 12.31 22.21
CA ALA A 236 -1.99 11.19 21.53
C ALA A 236 -2.98 10.13 21.12
N ASP A 237 -3.96 9.74 21.92
CA ASP A 237 -4.84 8.73 21.40
C ASP A 237 -5.98 9.27 20.52
N THR A 238 -6.02 10.56 20.17
CA THR A 238 -7.06 10.97 19.26
C THR A 238 -6.64 10.57 17.86
N LEU A 239 -7.55 10.67 16.88
CA LEU A 239 -7.29 10.39 15.48
C LEU A 239 -6.05 11.11 15.00
N TYR A 240 -5.82 12.31 15.51
CA TYR A 240 -4.70 13.12 15.07
C TYR A 240 -3.40 12.64 15.67
N GLY A 241 -3.54 12.00 16.82
CA GLY A 241 -2.44 11.43 17.53
C GLY A 241 -2.05 10.19 16.77
N LYS A 242 -2.92 9.21 16.77
CA LYS A 242 -2.78 7.98 16.00
C LYS A 242 -2.26 8.18 14.56
N ALA A 243 -2.75 9.19 13.85
CA ALA A 243 -2.28 9.56 12.53
C ALA A 243 -0.82 9.91 12.64
N HIS A 244 -0.49 10.78 13.58
CA HIS A 244 0.90 11.11 13.76
C HIS A 244 1.72 9.87 14.16
N ALA A 245 1.16 8.95 14.89
CA ALA A 245 1.92 7.80 15.29
C ALA A 245 2.25 6.95 14.08
N SER A 246 1.26 6.71 13.21
CA SER A 246 1.42 5.81 12.06
C SER A 246 2.33 6.38 10.99
N ILE A 247 2.22 7.68 10.70
CA ILE A 247 3.14 8.35 9.78
C ILE A 247 4.55 8.17 10.31
N THR A 248 4.69 8.20 11.64
CA THR A 248 6.01 8.06 12.21
C THR A 248 6.48 6.62 12.09
N GLU A 249 5.64 5.64 12.36
CA GLU A 249 6.05 4.27 12.20
C GLU A 249 6.40 3.97 10.75
N LEU A 250 5.82 4.74 9.82
CA LEU A 250 6.06 4.52 8.42
C LEU A 250 7.48 4.96 8.23
N LEU A 251 7.80 6.23 8.45
CA LEU A 251 9.15 6.72 8.25
C LEU A 251 10.25 6.00 9.05
N GLN A 252 9.90 5.31 10.13
CA GLN A 252 10.86 4.57 10.95
C GLN A 252 11.28 3.22 10.30
N LEU A 253 10.69 2.77 9.18
CA LEU A 253 11.08 1.51 8.58
C LEU A 253 12.19 1.88 7.63
N ALA A 254 13.38 1.36 7.89
CA ALA A 254 14.57 1.66 7.10
C ALA A 254 14.48 1.09 5.69
N GLN A 255 15.00 1.79 4.69
CA GLN A 255 15.12 1.22 3.34
C GLN A 255 15.97 -0.08 3.40
N GLY A 256 15.70 -1.08 2.58
CA GLY A 256 16.46 -2.32 2.62
C GLY A 256 17.70 -2.15 1.74
N PRO A 257 18.49 -3.21 1.48
CA PRO A 257 19.70 -3.15 0.65
C PRO A 257 19.53 -2.61 -0.74
N LYS A 258 20.48 -1.80 -1.14
CA LYS A 258 20.44 -0.99 -2.35
C LYS A 258 21.62 -1.36 -3.26
N PRO A 259 21.56 -1.23 -4.59
CA PRO A 259 22.66 -1.54 -5.49
C PRO A 259 23.64 -0.39 -5.39
N GLY A 260 24.84 -0.61 -5.87
CA GLY A 260 25.79 0.47 -5.90
C GLY A 260 25.44 1.28 -7.13
N GLN A 261 26.23 2.32 -7.40
CA GLN A 261 25.95 3.09 -8.59
C GLN A 261 26.32 2.36 -9.86
N THR A 262 27.19 1.36 -9.73
CA THR A 262 27.64 0.52 -10.80
C THR A 262 27.67 -0.91 -10.26
N GLU A 263 27.78 -1.96 -11.10
CA GLU A 263 27.92 -3.32 -10.57
C GLU A 263 29.22 -3.49 -9.82
N VAL A 264 30.28 -2.84 -10.28
CA VAL A 264 31.56 -2.83 -9.58
C VAL A 264 31.36 -2.38 -8.13
N GLU A 265 30.54 -1.34 -7.84
CA GLU A 265 30.32 -1.00 -6.45
C GLU A 265 29.37 -1.99 -5.79
N THR A 266 28.35 -2.50 -6.49
CA THR A 266 27.45 -3.53 -5.94
C THR A 266 28.24 -4.76 -5.50
N MET A 267 29.31 -5.08 -6.24
CA MET A 267 30.14 -6.24 -5.98
C MET A 267 31.13 -5.99 -4.86
N LYS A 268 31.78 -4.82 -4.86
CA LYS A 268 32.70 -4.42 -3.79
C LYS A 268 31.97 -4.53 -2.47
N LEU A 269 30.77 -3.95 -2.39
CA LEU A 269 29.94 -4.06 -1.21
C LEU A 269 29.64 -5.49 -0.82
N LEU A 270 29.26 -6.34 -1.77
CA LEU A 270 28.94 -7.72 -1.46
C LEU A 270 30.14 -8.51 -0.97
N ALA A 271 31.33 -8.17 -1.46
CA ALA A 271 32.57 -8.77 -1.01
C ALA A 271 32.74 -8.60 0.49
N GLN A 272 32.25 -7.46 0.99
CA GLN A 272 32.36 -7.06 2.37
C GLN A 272 31.35 -7.76 3.29
N LYS A 273 30.41 -8.55 2.76
CA LYS A 273 29.43 -9.12 3.65
C LYS A 273 29.83 -10.51 4.04
N THR A 274 29.36 -10.95 5.19
CA THR A 274 29.70 -12.24 5.71
C THR A 274 29.21 -13.38 4.84
N ALA A 275 27.93 -13.49 4.42
CA ALA A 275 27.52 -14.58 3.54
C ALA A 275 28.38 -14.79 2.26
N ALA A 276 29.14 -13.79 1.78
CA ALA A 276 30.04 -14.04 0.67
C ALA A 276 31.14 -14.99 1.17
N LEU A 277 31.86 -14.61 2.23
CA LEU A 277 32.90 -15.45 2.82
C LEU A 277 32.31 -16.74 3.35
N ASP A 278 31.14 -16.80 3.95
CA ASP A 278 30.60 -18.08 4.37
C ASP A 278 30.50 -18.98 3.17
N SER A 279 30.19 -18.39 2.00
CA SER A 279 30.04 -19.15 0.76
C SER A 279 31.37 -19.76 0.38
N ILE A 280 32.42 -18.94 0.21
CA ILE A 280 33.76 -19.42 -0.08
C ILE A 280 34.13 -20.59 0.81
N LYS A 281 33.94 -20.45 2.11
CA LYS A 281 34.26 -21.52 3.00
C LYS A 281 33.48 -22.75 2.71
N PHE A 282 32.24 -22.63 2.25
CA PHE A 282 31.44 -23.81 1.95
C PHE A 282 31.99 -24.49 0.71
N GLN A 283 32.14 -23.71 -0.35
CA GLN A 283 32.53 -24.21 -1.67
C GLN A 283 33.76 -25.08 -1.53
N LEU A 284 34.76 -24.52 -0.85
CA LEU A 284 36.01 -25.21 -0.63
C LEU A 284 35.83 -26.46 0.20
N ALA A 285 35.06 -26.50 1.26
CA ALA A 285 34.91 -27.77 1.95
C ALA A 285 34.30 -28.81 1.03
N ALA A 286 33.33 -28.39 0.21
CA ALA A 286 32.64 -29.27 -0.74
C ALA A 286 33.59 -29.85 -1.76
N SER A 287 34.46 -29.03 -2.34
CA SER A 287 35.53 -29.50 -3.19
C SER A 287 36.36 -30.53 -2.42
N THR A 288 36.85 -30.14 -1.25
CA THR A 288 37.85 -30.95 -0.61
C THR A 288 37.26 -31.85 0.45
N GLY A 289 36.07 -32.37 0.16
CA GLY A 289 35.32 -33.28 1.01
C GLY A 289 35.43 -33.16 2.52
N LYS A 290 35.67 -31.94 3.03
CA LYS A 290 35.82 -31.67 4.46
C LYS A 290 34.70 -30.75 4.96
N LYS A 291 34.87 -30.17 6.15
CA LYS A 291 33.85 -29.32 6.74
C LYS A 291 34.18 -27.83 6.70
N THR A 292 33.16 -26.97 6.73
CA THR A 292 33.33 -25.54 6.62
C THR A 292 34.06 -25.01 7.85
N SER A 293 33.84 -25.65 9.00
CA SER A 293 34.48 -25.29 10.26
C SER A 293 36.01 -25.43 10.26
N ASP A 294 36.59 -26.15 9.29
CA ASP A 294 38.03 -26.31 9.20
C ASP A 294 38.66 -25.08 8.54
N TYR A 295 37.87 -24.18 7.95
CA TYR A 295 38.43 -23.05 7.21
C TYR A 295 38.40 -21.81 8.07
N LYS A 296 39.25 -21.73 9.09
CA LYS A 296 39.17 -20.61 10.04
C LYS A 296 39.99 -19.38 9.69
N GLU A 297 40.60 -19.34 8.51
CA GLU A 297 41.54 -18.30 8.14
C GLU A 297 40.86 -17.11 7.45
N ASP A 298 39.80 -16.61 8.08
CA ASP A 298 38.92 -15.59 7.54
C ASP A 298 39.53 -14.47 6.73
N GLU A 299 40.28 -13.53 7.31
CA GLU A 299 40.76 -12.41 6.52
C GLU A 299 41.76 -12.75 5.41
N ASN A 300 42.56 -13.81 5.48
CA ASN A 300 43.43 -14.10 4.34
C ASN A 300 42.67 -14.88 3.27
N LEU A 301 41.64 -15.67 3.61
CA LEU A 301 40.77 -16.28 2.59
C LEU A 301 40.17 -15.14 1.78
N LYS A 302 39.63 -14.19 2.53
CA LYS A 302 39.08 -12.95 2.05
C LYS A 302 40.05 -12.25 1.11
N THR A 303 41.34 -12.22 1.49
CA THR A 303 42.38 -11.60 0.69
C THR A 303 42.54 -12.26 -0.68
N GLU A 304 42.62 -13.59 -0.72
CA GLU A 304 42.85 -14.32 -1.95
C GLU A 304 41.79 -14.02 -2.98
N TYR A 305 40.56 -14.25 -2.53
CA TYR A 305 39.42 -14.16 -3.41
C TYR A 305 38.97 -12.72 -3.62
N PHE A 306 38.64 -11.98 -2.56
CA PHE A 306 38.08 -10.66 -2.75
C PHE A 306 39.18 -9.64 -2.95
N GLY A 307 40.22 -9.69 -2.10
CA GLY A 307 41.37 -8.79 -2.17
C GLY A 307 41.41 -7.81 -1.01
N LYS A 308 42.57 -7.23 -0.67
CA LYS A 308 42.63 -6.30 0.46
C LYS A 308 42.06 -4.97 0.00
N THR A 309 40.99 -4.56 0.68
CA THR A 309 40.18 -3.40 0.29
C THR A 309 39.49 -3.78 -1.03
N GLU A 310 39.21 -5.09 -1.17
CA GLU A 310 38.64 -5.75 -2.34
C GLU A 310 39.62 -5.57 -3.47
N SER A 311 39.71 -4.39 -4.08
CA SER A 311 40.64 -4.07 -5.15
C SER A 311 40.61 -5.03 -6.35
N ASN A 312 40.97 -6.31 -6.19
CA ASN A 312 40.88 -7.36 -7.19
C ASN A 312 39.49 -7.46 -7.82
N ILE A 313 38.44 -7.32 -6.99
CA ILE A 313 37.04 -7.32 -7.42
C ILE A 313 36.78 -6.41 -8.62
N GLU A 314 37.37 -5.23 -8.66
CA GLU A 314 37.09 -4.31 -9.76
C GLU A 314 37.55 -4.87 -11.11
N ALA A 315 38.61 -5.68 -11.06
CA ALA A 315 39.13 -6.33 -12.25
C ALA A 315 38.26 -7.54 -12.57
N LEU A 316 37.90 -8.35 -11.57
CA LEU A 316 36.97 -9.47 -11.73
C LEU A 316 35.77 -9.04 -12.55
N TRP A 317 35.20 -7.87 -12.25
CA TRP A 317 34.09 -7.41 -13.06
C TRP A 317 34.54 -7.09 -14.47
N ASN A 318 35.53 -6.22 -14.66
CA ASN A 318 35.93 -5.80 -16.00
C ASN A 318 36.37 -6.91 -16.93
N LYS A 319 36.67 -8.08 -16.37
CA LYS A 319 37.02 -9.29 -17.07
C LYS A 319 35.76 -10.09 -17.39
N VAL A 320 34.76 -10.07 -16.50
CA VAL A 320 33.49 -10.73 -16.74
C VAL A 320 32.72 -9.97 -17.82
N LYS A 321 32.65 -8.66 -17.73
CA LYS A 321 31.93 -7.86 -18.71
C LYS A 321 32.42 -8.01 -20.17
N GLU A 322 33.68 -8.37 -20.39
CA GLU A 322 34.19 -8.47 -21.75
C GLU A 322 34.03 -9.85 -22.34
N GLU A 323 33.63 -10.81 -21.51
CA GLU A 323 33.60 -12.20 -21.93
C GLU A 323 32.52 -12.45 -22.96
N LYS A 324 32.94 -13.16 -23.99
CA LYS A 324 32.06 -13.57 -25.06
C LYS A 324 31.34 -14.77 -24.55
N VAL A 325 30.04 -14.71 -24.56
CA VAL A 325 29.25 -15.84 -24.15
C VAL A 325 28.30 -16.16 -25.26
N LYS A 326 27.85 -17.38 -25.24
CA LYS A 326 26.93 -17.88 -26.21
C LYS A 326 25.60 -18.17 -25.56
N GLY A 327 24.55 -18.12 -26.37
CA GLY A 327 23.21 -18.43 -25.93
C GLY A 327 22.23 -17.29 -26.10
N ALA A 328 22.71 -16.05 -26.22
CA ALA A 328 21.85 -14.89 -26.25
C ALA A 328 21.05 -14.68 -27.54
N ASP A 329 21.28 -15.44 -28.61
CA ASP A 329 20.49 -15.20 -29.81
C ASP A 329 19.32 -16.15 -29.66
N PRO A 330 18.07 -15.68 -29.77
CA PRO A 330 16.89 -16.53 -29.62
C PRO A 330 16.88 -17.70 -30.58
N GLU A 331 17.45 -17.46 -31.76
CA GLU A 331 17.44 -18.31 -32.94
C GLU A 331 18.66 -19.17 -33.18
N ASP A 332 19.85 -18.66 -32.88
CA ASP A 332 21.07 -19.33 -33.21
C ASP A 332 21.96 -19.32 -31.99
N PRO A 333 21.92 -20.36 -31.16
CA PRO A 333 22.69 -20.48 -29.93
C PRO A 333 24.20 -20.40 -30.05
N SER A 334 24.77 -20.20 -31.24
CA SER A 334 26.19 -20.14 -31.40
C SER A 334 26.67 -18.73 -31.62
N LYS A 335 25.78 -17.77 -31.87
CA LYS A 335 26.21 -16.40 -32.06
C LYS A 335 26.69 -15.87 -30.69
N GLU A 336 27.83 -15.15 -30.67
CA GLU A 336 28.45 -14.72 -29.40
C GLU A 336 28.28 -13.25 -29.10
N SER A 337 28.11 -12.90 -27.84
CA SER A 337 27.91 -11.51 -27.45
C SER A 337 28.74 -11.21 -26.21
N LYS A 338 29.17 -9.96 -26.00
CA LYS A 338 29.86 -9.63 -24.74
C LYS A 338 28.80 -9.55 -23.65
N ILE A 339 29.08 -10.07 -22.46
CA ILE A 339 28.15 -9.92 -21.34
C ILE A 339 27.81 -8.44 -21.07
N SER A 340 28.67 -7.45 -21.31
CA SER A 340 28.23 -6.08 -21.14
C SER A 340 27.19 -5.64 -22.18
N ASP A 341 26.62 -6.54 -22.99
CA ASP A 341 25.59 -6.15 -23.90
C ASP A 341 24.32 -6.87 -23.55
N LEU A 342 24.36 -7.89 -22.69
CA LEU A 342 23.18 -8.65 -22.44
C LEU A 342 22.47 -8.06 -21.26
N ASN A 343 21.52 -7.17 -21.54
CA ASN A 343 20.85 -6.50 -20.45
C ASN A 343 19.47 -6.91 -20.12
N THR A 344 18.69 -7.53 -20.99
CA THR A 344 17.43 -8.06 -20.52
C THR A 344 17.67 -9.39 -19.85
N GLU A 345 16.75 -9.81 -19.00
CA GLU A 345 16.83 -11.08 -18.33
C GLU A 345 16.57 -12.22 -19.30
N GLU A 346 15.91 -11.95 -20.43
CA GLU A 346 15.60 -13.01 -21.36
C GLU A 346 16.80 -13.47 -22.14
N GLN A 347 17.68 -12.55 -22.57
CA GLN A 347 18.92 -12.96 -23.21
C GLN A 347 19.80 -13.74 -22.23
N LEU A 348 19.90 -13.26 -20.98
CA LEU A 348 20.73 -13.90 -19.98
C LEU A 348 20.14 -15.18 -19.46
N GLN A 349 18.84 -15.43 -19.47
CA GLN A 349 18.43 -16.74 -18.98
C GLN A 349 18.80 -17.78 -20.04
N ARG A 350 18.89 -17.32 -21.29
CA ARG A 350 19.21 -18.09 -22.47
C ARG A 350 20.65 -18.55 -22.46
N VAL A 351 21.57 -17.63 -22.12
CA VAL A 351 22.98 -17.93 -21.95
C VAL A 351 23.11 -19.01 -20.91
N LEU A 352 22.47 -18.86 -19.75
CA LEU A 352 22.54 -19.87 -18.69
C LEU A 352 22.04 -21.23 -19.16
N ASP A 353 20.95 -21.25 -19.92
CA ASP A 353 20.40 -22.47 -20.45
C ASP A 353 21.28 -23.11 -21.52
N TYR A 354 21.91 -22.27 -22.33
CA TYR A 354 22.89 -22.69 -23.30
C TYR A 354 24.01 -23.48 -22.61
N TYR A 355 24.94 -22.88 -21.87
CA TYR A 355 25.99 -23.63 -21.18
C TYR A 355 25.47 -24.78 -20.37
N ALA A 356 24.23 -24.80 -19.89
CA ALA A 356 23.75 -25.96 -19.16
C ALA A 356 23.54 -27.10 -20.13
N VAL A 357 23.02 -26.80 -21.31
CA VAL A 357 22.79 -27.84 -22.28
C VAL A 357 24.10 -28.18 -23.00
N ALA A 358 25.02 -27.24 -23.11
CA ALA A 358 26.28 -27.45 -23.78
C ALA A 358 27.36 -27.52 -22.72
N THR B 1 -41.42 20.55 14.07
CA THR B 1 -40.28 21.41 13.81
C THR B 1 -39.17 20.89 14.74
N HIS B 2 -38.03 21.58 14.79
CA HIS B 2 -36.98 21.28 15.78
C HIS B 2 -36.49 19.84 15.72
N PHE B 3 -36.32 19.32 14.51
CA PHE B 3 -36.18 17.88 14.28
C PHE B 3 -34.76 17.36 14.40
N GLY B 4 -34.64 16.21 15.04
CA GLY B 4 -33.39 15.47 14.99
C GLY B 4 -33.22 14.91 13.57
N VAL B 5 -32.09 14.27 13.29
CA VAL B 5 -31.87 13.65 12.00
C VAL B 5 -32.28 12.23 12.19
N LYS B 6 -33.07 11.75 11.26
CA LYS B 6 -33.70 10.45 11.41
C LYS B 6 -32.68 9.33 11.43
N TYR B 7 -32.97 8.25 12.17
CA TYR B 7 -32.08 7.10 12.29
C TYR B 7 -31.80 6.50 10.94
N GLU B 8 -32.87 6.39 10.17
CA GLU B 8 -32.79 5.88 8.84
C GLU B 8 -31.93 6.73 7.94
N LEU B 9 -31.50 7.93 8.29
CA LEU B 9 -30.58 8.71 7.46
C LEU B 9 -29.17 8.47 7.98
N TRP B 10 -28.94 8.54 9.29
CA TRP B 10 -27.55 8.56 9.72
C TRP B 10 -27.03 7.15 9.88
N GLN B 11 -27.85 6.20 10.30
CA GLN B 11 -27.36 4.86 10.53
C GLN B 11 -26.74 4.23 9.28
N PRO B 12 -27.26 4.31 8.04
CA PRO B 12 -26.60 3.74 6.87
C PRO B 12 -25.29 4.44 6.60
N GLU B 13 -25.08 5.62 7.17
CA GLU B 13 -23.81 6.27 6.95
C GLU B 13 -22.78 5.80 7.99
N CYS B 14 -23.22 5.30 9.14
CA CYS B 14 -22.29 4.72 10.06
C CYS B 14 -21.92 3.34 9.55
N GLU B 15 -22.91 2.54 9.11
CA GLU B 15 -22.66 1.24 8.51
C GLU B 15 -21.70 1.32 7.33
N LEU B 16 -21.80 2.35 6.49
CA LEU B 16 -20.86 2.49 5.41
C LEU B 16 -19.52 2.95 5.96
N THR B 17 -19.46 3.74 7.04
CA THR B 17 -18.17 4.11 7.61
C THR B 17 -17.39 2.88 8.05
N ALA B 18 -17.98 2.00 8.84
CA ALA B 18 -17.33 0.80 9.24
C ALA B 18 -16.77 0.00 8.05
N GLU B 19 -17.54 -0.13 6.94
CA GLU B 19 -17.13 -0.89 5.78
C GLU B 19 -15.98 -0.27 5.01
N LEU B 20 -16.03 1.00 4.61
CA LEU B 20 -14.91 1.64 3.95
C LEU B 20 -13.56 1.44 4.66
N ARG B 21 -13.60 1.43 6.00
CA ARG B 21 -12.46 1.17 6.85
C ARG B 21 -11.79 -0.18 6.59
N LYS B 22 -12.51 -1.12 5.97
CA LYS B 22 -11.95 -2.38 5.53
C LYS B 22 -10.96 -2.27 4.34
N THR B 23 -10.94 -1.20 3.56
CA THR B 23 -10.05 -1.07 2.44
C THR B 23 -8.61 -1.27 2.86
N ALA B 24 -8.07 -0.69 3.93
CA ALA B 24 -6.70 -0.92 4.38
C ALA B 24 -6.31 -2.41 4.33
N GLY B 25 -7.13 -3.25 4.99
CA GLY B 25 -6.90 -4.68 5.08
C GLY B 25 -7.02 -5.35 3.72
N VAL B 26 -8.16 -5.24 3.02
CA VAL B 26 -8.35 -5.74 1.65
C VAL B 26 -7.21 -5.33 0.74
N ALA B 27 -6.77 -4.08 0.89
CA ALA B 27 -5.70 -3.53 0.09
C ALA B 27 -4.38 -4.21 0.39
N LYS B 28 -4.02 -4.54 1.62
CA LYS B 28 -2.76 -5.24 1.77
C LYS B 28 -2.95 -6.69 1.43
N MET B 29 -4.12 -7.28 1.63
CA MET B 29 -4.30 -8.70 1.37
C MET B 29 -4.02 -9.02 -0.10
N LYS B 30 -4.34 -8.08 -0.99
CA LYS B 30 -4.06 -8.25 -2.40
C LYS B 30 -2.57 -8.26 -2.68
N VAL B 31 -1.84 -7.24 -2.21
CA VAL B 31 -0.41 -7.16 -2.46
C VAL B 31 0.32 -8.30 -1.80
N ASN B 32 -0.12 -8.71 -0.63
CA ASN B 32 0.53 -9.77 0.07
C ASN B 32 0.38 -11.12 -0.60
N SER B 33 -0.59 -11.38 -1.47
CA SER B 33 -0.61 -12.72 -2.01
C SER B 33 0.26 -12.82 -3.25
N ASP B 34 0.55 -11.75 -3.99
CA ASP B 34 1.52 -11.86 -5.05
C ASP B 34 2.91 -12.11 -4.46
N LEU B 35 3.20 -11.50 -3.29
CA LEU B 35 4.42 -11.78 -2.54
C LEU B 35 4.42 -13.23 -2.08
N ASN B 36 3.38 -13.74 -1.42
CA ASN B 36 3.33 -15.15 -1.11
C ASN B 36 3.52 -16.07 -2.31
N SER B 37 2.93 -15.79 -3.47
CA SER B 37 3.14 -16.60 -4.66
C SER B 37 4.65 -16.63 -4.94
N PHE B 38 5.31 -15.47 -5.06
CA PHE B 38 6.74 -15.41 -5.29
C PHE B 38 7.51 -16.19 -4.23
N LYS B 39 7.08 -16.23 -2.98
CA LYS B 39 7.75 -17.08 -2.05
C LYS B 39 7.60 -18.53 -2.46
N THR B 40 6.41 -19.04 -2.83
CA THR B 40 6.27 -20.46 -3.16
C THR B 40 6.86 -20.86 -4.51
N LEU B 41 6.68 -20.04 -5.53
CA LEU B 41 7.26 -20.33 -6.81
C LEU B 41 8.77 -20.37 -6.70
N GLU B 42 9.41 -19.44 -6.00
CA GLU B 42 10.86 -19.48 -5.76
C GLU B 42 11.33 -20.79 -5.19
N LEU B 43 10.57 -21.34 -4.28
CA LEU B 43 10.99 -22.55 -3.67
C LEU B 43 10.86 -23.72 -4.67
N THR B 44 9.78 -23.75 -5.46
CA THR B 44 9.56 -24.80 -6.43
C THR B 44 10.63 -24.78 -7.51
N LYS B 45 10.99 -23.62 -8.08
CA LYS B 45 12.01 -23.60 -9.10
C LYS B 45 13.39 -23.91 -8.53
N MET B 46 13.54 -24.17 -7.24
CA MET B 46 14.83 -24.58 -6.76
C MET B 46 14.79 -26.04 -6.40
N LYS B 47 13.64 -26.60 -6.05
CA LYS B 47 13.62 -28.04 -5.99
C LYS B 47 13.77 -28.58 -7.44
N LEU B 48 13.33 -27.89 -8.50
CA LEU B 48 13.54 -28.38 -9.85
C LEU B 48 14.98 -28.21 -10.30
N LEU B 49 15.61 -27.06 -9.99
CA LEU B 49 17.02 -26.84 -10.31
C LEU B 49 18.00 -27.75 -9.58
N THR B 50 17.79 -28.23 -8.35
CA THR B 50 18.84 -28.99 -7.70
C THR B 50 18.95 -30.32 -8.40
N PHE B 51 17.82 -30.96 -8.77
CA PHE B 51 17.85 -32.18 -9.59
C PHE B 51 18.54 -31.90 -10.90
N ALA B 52 18.11 -30.88 -11.62
CA ALA B 52 18.74 -30.59 -12.89
C ALA B 52 20.24 -30.31 -12.77
N ALA B 53 20.71 -29.95 -11.56
CA ALA B 53 22.13 -29.68 -11.37
C ALA B 53 22.85 -31.01 -11.17
N LYS B 54 22.16 -31.93 -10.51
CA LYS B 54 22.68 -33.25 -10.26
C LYS B 54 22.81 -34.03 -11.57
N PHE B 55 21.77 -34.18 -12.40
CA PHE B 55 21.86 -34.95 -13.63
C PHE B 55 21.81 -34.01 -14.83
N PRO B 56 22.70 -33.01 -15.00
CA PRO B 56 22.68 -32.02 -16.08
C PRO B 56 22.48 -32.45 -17.49
N GLU B 57 22.87 -33.68 -17.70
CA GLU B 57 23.00 -34.31 -19.00
C GLU B 57 21.73 -35.04 -19.44
N SER B 58 20.78 -35.25 -18.53
CA SER B 58 19.63 -36.04 -18.91
C SER B 58 18.53 -35.21 -19.53
N LYS B 59 17.42 -35.86 -19.83
CA LYS B 59 16.37 -35.17 -20.51
C LYS B 59 15.36 -34.72 -19.50
N GLU B 60 15.41 -35.28 -18.29
CA GLU B 60 14.60 -34.80 -17.18
C GLU B 60 15.07 -33.36 -16.96
N ALA B 61 16.38 -33.18 -16.74
CA ALA B 61 16.99 -31.88 -16.66
C ALA B 61 16.59 -30.96 -17.81
N LEU B 62 16.41 -31.42 -19.07
CA LEU B 62 15.98 -30.59 -20.21
C LEU B 62 14.58 -30.04 -19.97
N THR B 63 13.71 -30.92 -19.47
CA THR B 63 12.33 -30.58 -19.26
C THR B 63 12.24 -29.66 -18.06
N LEU B 64 12.95 -29.99 -16.98
CA LEU B 64 13.00 -29.18 -15.79
C LEU B 64 13.57 -27.83 -16.11
N ARG B 65 14.53 -27.70 -17.02
CA ARG B 65 14.99 -26.38 -17.40
C ARG B 65 13.93 -25.61 -18.21
N ALA B 66 13.01 -26.28 -18.91
CA ALA B 66 12.02 -25.56 -19.71
C ALA B 66 10.99 -25.01 -18.75
N LEU B 67 10.56 -25.90 -17.86
CA LEU B 67 9.67 -25.56 -16.76
C LEU B 67 10.26 -24.40 -15.94
N GLU B 68 11.54 -24.37 -15.66
CA GLU B 68 12.18 -23.27 -14.99
C GLU B 68 12.17 -21.99 -15.83
N ALA B 69 12.33 -22.02 -17.15
CA ALA B 69 12.31 -20.76 -17.90
C ALA B 69 10.92 -20.12 -17.88
N ALA B 70 9.88 -20.97 -17.79
CA ALA B 70 8.51 -20.53 -17.71
C ALA B 70 8.27 -19.94 -16.31
N LEU B 71 8.69 -20.66 -15.26
CA LEU B 71 8.63 -20.20 -13.89
C LEU B 71 9.40 -18.89 -13.77
N ASN B 72 10.53 -18.69 -14.41
CA ASN B 72 11.21 -17.43 -14.35
C ASN B 72 10.42 -16.35 -15.04
N THR B 73 9.65 -16.58 -16.12
CA THR B 73 8.85 -15.46 -16.65
C THR B 73 7.70 -15.15 -15.68
N ASP B 74 7.09 -16.19 -15.07
CA ASP B 74 6.07 -16.06 -14.08
C ASP B 74 6.53 -15.17 -12.92
N LEU B 75 7.70 -15.43 -12.38
CA LEU B 75 8.25 -14.62 -11.32
C LEU B 75 8.52 -13.19 -11.78
N ARG B 76 8.86 -12.92 -13.05
CA ARG B 76 9.04 -11.55 -13.48
C ARG B 76 7.69 -10.91 -13.60
N ALA B 77 6.65 -11.69 -13.88
CA ALA B 77 5.31 -11.14 -13.88
C ALA B 77 4.90 -10.71 -12.46
N LEU B 78 5.00 -11.57 -11.45
CA LEU B 78 4.68 -11.22 -10.08
C LEU B 78 5.44 -10.00 -9.58
N ARG B 79 6.74 -9.98 -9.85
CA ARG B 79 7.58 -8.94 -9.34
C ARG B 79 7.16 -7.59 -9.91
N ASP B 80 6.97 -7.53 -11.23
CA ASP B 80 6.54 -6.27 -11.81
C ASP B 80 5.03 -6.01 -11.52
N ASN B 81 4.20 -7.00 -11.18
CA ASN B 81 2.81 -6.71 -10.89
C ASN B 81 2.74 -5.97 -9.57
N ILE B 82 3.61 -6.30 -8.60
CA ILE B 82 3.57 -5.70 -7.26
C ILE B 82 3.59 -4.18 -7.30
N ALA B 83 4.28 -3.52 -8.21
CA ALA B 83 4.27 -2.07 -8.23
C ALA B 83 2.89 -1.52 -8.51
N ASN B 84 2.08 -2.26 -9.29
CA ASN B 84 0.70 -1.86 -9.59
C ASN B 84 -0.12 -2.06 -8.35
N GLY B 85 0.01 -3.19 -7.71
CA GLY B 85 -0.77 -3.47 -6.52
C GLY B 85 -0.52 -2.47 -5.39
N ILE B 86 0.69 -1.93 -5.28
CA ILE B 86 1.02 -1.03 -4.19
C ILE B 86 0.28 0.23 -4.46
N ASP B 87 0.31 0.67 -5.70
CA ASP B 87 -0.28 1.93 -6.08
C ASP B 87 -1.80 1.88 -6.05
N ARG B 88 -2.38 0.73 -6.28
CA ARG B 88 -3.81 0.68 -6.26
C ARG B 88 -4.20 0.51 -4.81
N ALA B 89 -3.43 -0.13 -3.95
CA ALA B 89 -3.78 -0.24 -2.52
C ALA B 89 -3.70 1.10 -1.79
N VAL B 90 -2.67 1.89 -2.03
CA VAL B 90 -2.52 3.20 -1.45
C VAL B 90 -3.63 4.15 -1.91
N ARG B 91 -3.97 4.27 -3.20
CA ARG B 91 -4.99 5.24 -3.62
C ARG B 91 -6.34 4.84 -3.10
N ALA B 92 -6.69 3.56 -3.21
CA ALA B 92 -7.96 3.11 -2.74
C ALA B 92 -8.03 3.20 -1.24
N THR B 93 -6.91 3.26 -0.50
CA THR B 93 -6.98 3.45 0.96
C THR B 93 -7.10 4.96 1.34
N ALA B 94 -6.54 5.90 0.54
CA ALA B 94 -6.70 7.33 0.70
C ALA B 94 -8.15 7.74 0.44
N TYR B 95 -8.69 7.62 -0.79
CA TYR B 95 -10.11 7.89 -1.07
C TYR B 95 -11.02 7.19 -0.09
N ALA B 96 -10.88 5.90 0.16
CA ALA B 96 -11.79 5.28 1.08
C ALA B 96 -11.72 5.83 2.50
N SER B 97 -10.55 6.32 2.94
CA SER B 97 -10.41 6.78 4.30
C SER B 97 -10.79 8.22 4.45
N GLU B 98 -10.50 9.09 3.48
CA GLU B 98 -11.03 10.45 3.53
C GLU B 98 -12.56 10.38 3.52
N ALA B 99 -13.12 9.40 2.82
CA ALA B 99 -14.53 9.20 2.81
C ALA B 99 -14.95 8.67 4.16
N ALA B 100 -14.34 7.68 4.79
CA ALA B 100 -14.85 7.30 6.09
C ALA B 100 -14.67 8.39 7.18
N GLY B 101 -13.73 9.32 6.99
CA GLY B 101 -13.44 10.36 7.96
C GLY B 101 -14.49 11.44 7.94
N ALA B 102 -14.73 11.98 6.73
CA ALA B 102 -15.75 12.96 6.45
C ALA B 102 -17.11 12.45 6.89
N LEU B 103 -17.46 11.20 6.63
CA LEU B 103 -18.70 10.65 7.10
C LEU B 103 -18.83 10.68 8.62
N PHE B 104 -17.74 10.35 9.33
CA PHE B 104 -17.76 10.25 10.77
C PHE B 104 -17.75 11.62 11.43
N SER B 105 -16.95 12.57 10.97
CA SER B 105 -16.97 13.90 11.50
C SER B 105 -18.38 14.50 11.42
N GLY B 106 -19.04 14.39 10.26
CA GLY B 106 -20.38 14.87 10.04
C GLY B 106 -21.36 14.33 11.07
N ILE B 107 -21.40 13.03 11.36
CA ILE B 107 -22.31 12.51 12.39
C ILE B 107 -21.85 12.87 13.80
N GLN B 108 -20.57 13.15 14.01
CA GLN B 108 -20.07 13.55 15.30
C GLN B 108 -20.65 14.95 15.64
N THR B 109 -20.59 15.93 14.70
CA THR B 109 -21.24 17.21 14.85
C THR B 109 -22.68 17.04 15.32
N LEU B 110 -23.43 16.10 14.77
CA LEU B 110 -24.77 15.88 15.23
C LEU B 110 -24.80 15.31 16.63
N HIS B 111 -23.96 14.34 16.95
CA HIS B 111 -23.97 13.72 18.30
C HIS B 111 -23.62 14.72 19.40
N ASP B 112 -22.83 15.75 19.11
CA ASP B 112 -22.41 16.63 20.14
C ASP B 112 -23.31 17.83 20.30
N ALA B 113 -24.22 18.03 19.32
CA ALA B 113 -25.23 19.07 19.42
C ALA B 113 -26.40 18.44 20.15
N THR B 114 -26.14 17.97 21.37
CA THR B 114 -27.13 17.53 22.33
C THR B 114 -26.88 18.35 23.60
N ASP B 115 -27.82 18.33 24.52
CA ASP B 115 -27.66 19.10 25.76
C ASP B 115 -27.98 18.22 26.94
N GLY B 116 -28.09 16.91 26.74
CA GLY B 116 -28.37 16.05 27.87
C GLY B 116 -29.85 15.73 27.88
N THR B 117 -30.70 16.70 27.45
CA THR B 117 -32.13 16.41 27.35
C THR B 117 -32.55 16.03 25.94
N THR B 118 -32.26 16.82 24.90
CA THR B 118 -32.68 16.45 23.58
C THR B 118 -31.43 16.37 22.72
N TYR B 119 -31.58 15.64 21.61
CA TYR B 119 -30.51 15.17 20.74
C TYR B 119 -30.72 15.50 19.27
N CYS B 120 -29.71 15.96 18.56
CA CYS B 120 -29.81 16.15 17.12
C CYS B 120 -29.77 14.86 16.26
N LEU B 121 -29.72 13.69 16.86
CA LEU B 121 -29.57 12.42 16.20
C LEU B 121 -30.68 11.55 16.77
N SER B 122 -31.71 11.21 16.01
CA SER B 122 -32.80 10.48 16.61
C SER B 122 -32.58 8.99 16.49
N ALA B 123 -33.16 8.27 17.44
CA ALA B 123 -33.12 6.83 17.52
C ALA B 123 -34.11 6.22 16.53
N SER B 124 -34.17 4.91 16.35
CA SER B 124 -35.21 4.41 15.47
C SER B 124 -36.52 4.57 16.23
N GLY B 125 -37.61 4.56 15.44
CA GLY B 125 -38.96 4.62 15.98
C GLY B 125 -39.19 6.01 16.52
N GLN B 126 -38.71 6.98 15.70
CA GLN B 126 -38.58 8.38 16.00
C GLN B 126 -38.21 8.67 17.45
N GLY B 127 -37.44 7.79 18.10
CA GLY B 127 -36.96 7.96 19.46
C GLY B 127 -36.02 9.13 19.46
N SER B 128 -35.85 9.78 20.60
CA SER B 128 -35.05 10.98 20.74
C SER B 128 -33.56 10.71 20.81
N ASN B 129 -33.16 9.69 21.57
CA ASN B 129 -31.74 9.45 21.79
C ASN B 129 -31.08 8.55 20.74
N GLY B 130 -30.69 9.12 19.61
CA GLY B 130 -29.94 8.37 18.65
C GLY B 130 -28.48 8.35 19.07
N ASN B 131 -28.09 9.21 20.01
CA ASN B 131 -26.72 9.29 20.44
C ASN B 131 -26.27 8.02 21.08
N ALA B 132 -27.17 7.27 21.72
CA ALA B 132 -26.76 6.04 22.32
C ALA B 132 -26.55 4.87 21.35
N ALA B 133 -26.84 4.97 20.05
CA ALA B 133 -26.66 3.80 19.16
C ALA B 133 -25.52 4.00 18.19
N MET B 134 -24.99 5.22 18.14
CA MET B 134 -23.94 5.62 17.23
C MET B 134 -22.75 4.64 17.12
N ALA B 135 -22.16 4.21 18.24
CA ALA B 135 -20.96 3.40 18.19
C ALA B 135 -21.28 2.00 17.73
N SER B 136 -22.40 1.46 18.19
CA SER B 136 -22.78 0.14 17.77
C SER B 136 -23.14 0.11 16.29
N GLN B 137 -23.34 1.25 15.63
CA GLN B 137 -23.57 1.22 14.21
C GLN B 137 -22.32 1.57 13.42
N GLY B 138 -21.17 1.74 14.08
CA GLY B 138 -19.93 1.92 13.35
C GLY B 138 -19.43 3.34 13.31
N CYS B 139 -20.19 4.30 13.84
CA CYS B 139 -19.61 5.61 14.00
C CYS B 139 -18.91 5.53 15.34
N LYS B 140 -17.58 5.51 15.26
CA LYS B 140 -16.69 5.08 16.33
C LYS B 140 -15.31 5.57 15.93
N PRO B 141 -14.39 5.99 16.81
CA PRO B 141 -13.08 6.48 16.38
C PRO B 141 -12.29 5.37 15.66
N LEU B 142 -11.44 5.73 14.70
CA LEU B 142 -10.65 4.72 13.98
C LEU B 142 -9.58 4.08 14.86
N ALA B 143 -9.65 2.79 15.07
CA ALA B 143 -8.54 2.09 15.69
C ALA B 143 -8.33 0.81 14.92
N LEU B 144 -7.41 0.85 13.95
CA LEU B 144 -7.07 -0.28 13.08
C LEU B 144 -6.58 -1.45 13.92
N PRO B 145 -7.01 -2.68 13.64
CA PRO B 145 -6.63 -3.84 14.42
C PRO B 145 -5.17 -4.22 14.27
N GLU B 146 -4.76 -5.13 15.14
CA GLU B 146 -3.43 -5.70 15.08
C GLU B 146 -3.24 -6.54 13.83
N LEU B 147 -4.28 -7.25 13.40
CA LEU B 147 -4.17 -8.14 12.26
C LEU B 147 -5.00 -7.59 11.12
N LEU B 148 -4.38 -7.00 10.10
CA LEU B 148 -5.16 -6.50 8.97
C LEU B 148 -5.57 -7.63 8.04
N THR B 149 -6.44 -8.50 8.51
CA THR B 149 -6.94 -9.58 7.70
C THR B 149 -8.24 -9.04 7.12
N GLU B 150 -8.61 -9.44 5.90
CA GLU B 150 -9.86 -9.05 5.23
C GLU B 150 -9.60 -9.01 3.75
N ASP B 151 -10.51 -9.58 3.00
CA ASP B 151 -10.42 -9.63 1.55
C ASP B 151 -11.73 -9.16 0.97
N SER B 152 -12.73 -9.03 1.85
CA SER B 152 -14.07 -8.84 1.40
C SER B 152 -14.85 -7.84 2.24
N TYR B 153 -15.66 -7.15 1.45
CA TYR B 153 -16.63 -6.17 1.89
C TYR B 153 -18.00 -6.82 1.74
N ASN B 154 -18.93 -6.54 2.65
CA ASN B 154 -20.29 -7.03 2.50
C ASN B 154 -20.89 -6.28 1.33
N THR B 155 -21.40 -7.03 0.38
CA THR B 155 -21.81 -6.49 -0.90
C THR B 155 -23.17 -5.80 -0.87
N ASP B 156 -23.83 -5.87 0.28
CA ASP B 156 -25.07 -5.19 0.53
C ASP B 156 -24.77 -3.75 1.00
N VAL B 157 -23.53 -3.45 1.45
CA VAL B 157 -23.14 -2.11 1.87
C VAL B 157 -22.24 -1.49 0.82
N ILE B 158 -21.25 -2.23 0.30
CA ILE B 158 -20.43 -1.74 -0.80
C ILE B 158 -20.56 -2.84 -1.85
N SER B 159 -20.98 -2.51 -3.06
CA SER B 159 -21.01 -3.51 -4.12
C SER B 159 -20.40 -2.92 -5.38
N ASP B 160 -20.51 -3.56 -6.53
CA ASP B 160 -19.83 -3.09 -7.73
C ASP B 160 -20.44 -1.86 -8.41
N LYS B 161 -21.55 -1.40 -7.86
CA LYS B 161 -22.29 -0.33 -8.49
C LYS B 161 -22.11 0.97 -7.73
N GLY B 162 -22.10 0.86 -6.41
CA GLY B 162 -22.02 2.02 -5.56
C GLY B 162 -22.30 1.52 -4.17
N PHE B 163 -22.81 2.38 -3.29
CA PHE B 163 -23.15 1.93 -1.95
C PHE B 163 -24.67 1.76 -2.01
N PRO B 164 -25.14 0.54 -2.24
CA PRO B 164 -26.56 0.22 -2.38
C PRO B 164 -27.48 0.79 -1.34
N LYS B 165 -27.12 0.86 -0.05
CA LYS B 165 -28.07 1.34 0.95
C LYS B 165 -28.13 2.85 1.11
N ILE B 166 -27.42 3.62 0.30
CA ILE B 166 -27.41 5.05 0.45
C ILE B 166 -28.37 5.56 -0.60
N SER B 167 -29.64 5.28 -0.32
CA SER B 167 -30.77 5.73 -1.13
C SER B 167 -31.10 7.17 -0.78
N PRO B 168 -31.41 8.08 -1.69
CA PRO B 168 -31.70 9.48 -1.34
C PRO B 168 -32.92 9.75 -0.44
N LEU B 169 -32.81 10.72 0.48
CA LEU B 169 -33.91 11.17 1.33
C LEU B 169 -34.04 12.67 1.06
N THR B 170 -35.07 13.01 0.30
CA THR B 170 -35.27 14.29 -0.37
C THR B 170 -35.74 15.56 0.34
N ASN B 171 -36.56 15.46 1.37
CA ASN B 171 -37.06 16.60 2.13
C ASN B 171 -38.10 15.99 2.99
N ALA B 172 -38.20 16.35 4.24
CA ALA B 172 -39.16 15.74 5.17
C ALA B 172 -38.96 14.28 5.46
N GLN B 173 -38.27 13.45 4.66
CA GLN B 173 -38.09 12.10 5.13
C GLN B 173 -36.70 11.82 5.74
N GLY B 174 -35.82 12.83 5.86
CA GLY B 174 -34.62 12.72 6.71
C GLY B 174 -34.89 13.27 8.15
N GLN B 175 -36.15 13.66 8.41
CA GLN B 175 -36.62 14.20 9.66
C GLN B 175 -36.85 13.17 10.76
N GLY B 176 -36.17 13.35 11.89
CA GLY B 176 -36.33 12.48 13.04
C GLY B 176 -37.27 13.14 14.02
N LYS B 177 -37.07 12.93 15.34
CA LYS B 177 -38.01 13.46 16.34
C LYS B 177 -38.15 14.97 16.32
N SER B 178 -39.37 15.39 16.60
CA SER B 178 -39.69 16.81 16.69
C SER B 178 -39.31 17.34 18.08
N GLY B 179 -38.95 18.61 18.16
CA GLY B 179 -38.73 19.24 19.46
C GLY B 179 -37.52 18.65 20.16
N GLU B 180 -36.40 18.74 19.43
CA GLU B 180 -35.15 18.10 19.80
C GLU B 180 -33.94 18.89 19.41
N CYS B 181 -33.94 19.51 18.27
CA CYS B 181 -32.70 19.96 17.71
C CYS B 181 -32.95 21.25 16.99
N GLY B 182 -32.10 22.22 17.20
CA GLY B 182 -32.33 23.50 16.62
C GLY B 182 -31.39 23.80 15.51
N LEU B 183 -30.65 22.82 15.01
CA LEU B 183 -29.70 23.10 13.94
C LEU B 183 -30.34 23.39 12.62
N PHE B 184 -31.50 22.80 12.32
CA PHE B 184 -32.00 23.02 10.97
C PHE B 184 -33.10 24.08 10.89
N GLN B 185 -33.26 24.84 11.99
CA GLN B 185 -34.27 25.89 12.04
C GLN B 185 -33.75 27.17 11.37
N ALA B 186 -34.48 27.69 10.39
CA ALA B 186 -34.02 28.88 9.71
C ALA B 186 -33.87 30.07 10.65
N ALA B 187 -32.73 30.73 10.58
CA ALA B 187 -32.52 31.97 11.31
C ALA B 187 -33.63 32.98 11.08
N SER B 188 -33.94 33.78 12.10
CA SER B 188 -34.94 34.85 11.99
C SER B 188 -34.49 36.05 11.15
N GLY B 189 -33.36 35.97 10.46
CA GLY B 189 -32.88 37.02 9.60
C GLY B 189 -31.56 36.54 9.03
N ALA B 190 -30.78 37.45 8.45
CA ALA B 190 -29.48 37.12 7.88
C ALA B 190 -28.47 36.79 8.98
N GLN B 191 -27.54 35.88 8.69
CA GLN B 191 -26.62 35.33 9.70
C GLN B 191 -25.69 36.34 10.32
N ALA B 192 -25.53 37.49 9.65
CA ALA B 192 -24.74 38.60 10.18
C ALA B 192 -25.34 39.13 11.48
N THR B 193 -26.67 39.20 11.53
CA THR B 193 -27.36 39.66 12.70
C THR B 193 -28.12 38.56 13.42
N ASN B 194 -28.26 37.34 12.88
CA ASN B 194 -29.04 36.30 13.56
C ASN B 194 -28.26 35.04 13.99
N THR B 195 -28.88 34.16 14.78
CA THR B 195 -28.31 32.87 15.17
C THR B 195 -28.71 31.81 14.13
N GLY B 196 -27.96 30.69 14.03
CA GLY B 196 -28.21 29.62 13.09
C GLY B 196 -27.88 30.00 11.65
N VAL B 197 -28.32 29.20 10.69
CA VAL B 197 -28.11 29.45 9.29
C VAL B 197 -29.48 29.83 8.75
N GLN B 198 -29.53 30.79 7.83
CA GLN B 198 -30.78 31.31 7.32
C GLN B 198 -31.36 30.50 6.17
N PHE B 199 -30.58 29.64 5.53
CA PHE B 199 -31.03 28.86 4.38
C PHE B 199 -31.54 29.80 3.29
N SER B 200 -30.77 30.86 3.03
CA SER B 200 -31.08 31.79 1.99
C SER B 200 -29.84 32.39 1.41
N GLY B 201 -29.88 32.68 0.10
CA GLY B 201 -28.75 33.23 -0.65
C GLY B 201 -27.62 32.21 -0.70
N GLY B 202 -28.04 30.94 -0.71
CA GLY B 202 -27.12 29.85 -0.60
C GLY B 202 -26.53 29.78 0.81
N SER B 203 -27.28 29.24 1.74
CA SER B 203 -26.72 28.94 3.02
C SER B 203 -27.29 27.57 3.29
N ARG B 204 -26.43 26.64 3.70
CA ARG B 204 -26.91 25.31 3.96
C ARG B 204 -26.09 24.76 5.09
N ILE B 205 -26.60 23.69 5.67
CA ILE B 205 -25.84 22.90 6.60
C ILE B 205 -25.33 21.74 5.75
N ASN B 206 -24.04 21.78 5.44
CA ASN B 206 -23.40 20.71 4.70
C ASN B 206 -22.49 19.96 5.65
N LEU B 207 -22.89 18.79 6.13
CA LEU B 207 -22.01 18.03 6.99
C LEU B 207 -21.44 16.83 6.28
N GLY B 208 -20.16 16.56 6.50
CA GLY B 208 -19.56 15.37 5.96
C GLY B 208 -19.41 15.43 4.46
N LEU B 209 -18.98 16.56 3.90
CA LEU B 209 -18.68 16.72 2.48
C LEU B 209 -19.77 16.15 1.58
N GLY B 210 -20.97 16.68 1.77
CA GLY B 210 -22.13 16.33 1.02
C GLY B 210 -22.95 15.26 1.70
N ALA B 211 -22.47 14.53 2.70
CA ALA B 211 -23.23 13.38 3.16
C ALA B 211 -24.53 13.65 3.87
N ILE B 212 -24.72 14.86 4.37
CA ILE B 212 -25.96 15.27 5.05
C ILE B 212 -26.04 16.76 4.72
N VAL B 213 -26.92 17.11 3.78
CA VAL B 213 -27.09 18.50 3.44
C VAL B 213 -28.50 18.95 3.74
N ALA B 214 -28.67 20.18 4.16
CA ALA B 214 -29.99 20.79 4.31
C ALA B 214 -29.77 22.16 3.73
N SER B 215 -30.41 22.39 2.62
CA SER B 215 -30.37 23.67 1.95
C SER B 215 -31.62 24.45 2.31
N ALA B 216 -32.62 23.74 2.85
CA ALA B 216 -33.88 24.33 3.24
C ALA B 216 -34.20 23.88 4.64
N ALA B 217 -34.76 24.85 5.35
CA ALA B 217 -35.20 24.74 6.73
C ALA B 217 -35.92 23.46 7.09
N GLN B 218 -35.50 22.89 8.20
CA GLN B 218 -35.94 21.63 8.74
C GLN B 218 -36.04 20.42 7.83
N GLN B 219 -35.20 20.36 6.79
CA GLN B 219 -35.13 19.10 6.08
C GLN B 219 -33.73 18.60 5.74
N PRO B 220 -33.13 17.75 6.59
CA PRO B 220 -31.81 17.16 6.33
C PRO B 220 -31.90 16.12 5.21
N THR B 221 -31.17 16.31 4.14
CA THR B 221 -31.16 15.34 3.06
C THR B 221 -29.88 14.52 2.84
N ARG B 222 -30.00 13.20 2.68
CA ARG B 222 -28.85 12.38 2.24
C ARG B 222 -28.84 12.21 0.71
N PRO B 223 -27.70 12.28 0.00
CA PRO B 223 -27.66 12.10 -1.46
C PRO B 223 -27.85 10.65 -1.87
N ASP B 224 -28.12 10.45 -3.15
CA ASP B 224 -28.19 9.11 -3.74
C ASP B 224 -26.77 8.67 -4.03
N LEU B 225 -26.34 7.59 -3.41
CA LEU B 225 -25.00 7.06 -3.65
C LEU B 225 -25.10 5.54 -3.88
N SER B 226 -26.21 5.03 -4.42
CA SER B 226 -26.38 3.60 -4.57
C SER B 226 -25.95 2.99 -5.89
N ASP B 227 -25.70 3.80 -6.91
CA ASP B 227 -25.29 3.24 -8.19
C ASP B 227 -24.70 4.34 -9.04
N PHE B 228 -23.39 4.48 -9.04
CA PHE B 228 -22.71 5.61 -9.69
C PHE B 228 -22.72 5.56 -11.23
N SER B 229 -23.32 4.50 -11.74
CA SER B 229 -23.56 4.35 -13.15
C SER B 229 -25.06 4.57 -13.31
N GLY B 230 -25.89 3.77 -12.66
CA GLY B 230 -27.34 3.92 -12.76
C GLY B 230 -27.92 5.23 -12.21
N THR B 231 -28.71 5.10 -11.15
CA THR B 231 -29.38 6.26 -10.55
C THR B 231 -28.48 7.37 -10.06
N ALA B 232 -27.39 6.99 -9.39
CA ALA B 232 -26.51 7.96 -8.77
C ALA B 232 -25.42 8.55 -9.67
N ARG B 233 -25.44 8.31 -10.99
CA ARG B 233 -24.53 8.90 -11.98
C ARG B 233 -23.92 10.26 -11.66
N ASN B 234 -24.66 11.20 -11.07
CA ASN B 234 -24.08 12.52 -10.89
C ASN B 234 -23.16 12.59 -9.69
N GLN B 235 -23.31 11.68 -8.75
CA GLN B 235 -22.42 11.63 -7.62
C GLN B 235 -21.17 10.83 -7.93
N ALA B 236 -20.96 10.36 -9.16
CA ALA B 236 -19.78 9.60 -9.47
C ALA B 236 -18.50 10.41 -9.27
N ASP B 237 -18.58 11.73 -9.35
CA ASP B 237 -17.37 12.53 -9.23
C ASP B 237 -17.12 13.06 -7.83
N THR B 238 -17.98 12.70 -6.88
CA THR B 238 -17.82 13.19 -5.54
C THR B 238 -16.73 12.35 -4.91
N LEU B 239 -16.23 12.80 -3.74
CA LEU B 239 -15.37 12.00 -2.90
C LEU B 239 -15.91 10.58 -2.85
N TYR B 240 -17.22 10.40 -2.69
CA TYR B 240 -17.78 9.08 -2.49
C TYR B 240 -17.82 8.26 -3.76
N GLY B 241 -17.82 8.97 -4.88
CA GLY B 241 -17.79 8.35 -6.19
C GLY B 241 -16.38 7.84 -6.46
N LYS B 242 -15.42 8.78 -6.47
CA LYS B 242 -13.98 8.50 -6.55
C LYS B 242 -13.57 7.37 -5.61
N ALA B 243 -14.00 7.41 -4.36
CA ALA B 243 -13.78 6.34 -3.40
C ALA B 243 -14.31 5.01 -3.91
N HIS B 244 -15.46 4.98 -4.56
CA HIS B 244 -16.01 3.72 -5.07
C HIS B 244 -15.24 3.21 -6.29
N ALA B 245 -14.87 4.11 -7.19
CA ALA B 245 -14.13 3.73 -8.36
C ALA B 245 -12.83 3.11 -7.86
N SER B 246 -12.13 3.75 -6.90
CA SER B 246 -10.92 3.22 -6.31
C SER B 246 -11.11 1.86 -5.71
N ILE B 247 -12.18 1.61 -5.00
CA ILE B 247 -12.39 0.28 -4.46
C ILE B 247 -12.61 -0.72 -5.62
N THR B 248 -13.15 -0.33 -6.80
CA THR B 248 -13.30 -1.31 -7.86
C THR B 248 -11.98 -1.48 -8.59
N GLU B 249 -11.20 -0.40 -8.88
CA GLU B 249 -9.88 -0.54 -9.51
C GLU B 249 -9.08 -1.48 -8.63
N LEU B 250 -9.15 -1.27 -7.32
CA LEU B 250 -8.51 -2.17 -6.42
C LEU B 250 -9.08 -3.56 -6.60
N LEU B 251 -10.38 -3.80 -6.57
CA LEU B 251 -10.85 -5.19 -6.53
C LEU B 251 -10.68 -5.96 -7.82
N GLN B 252 -10.55 -5.23 -8.89
CA GLN B 252 -10.38 -5.75 -10.22
C GLN B 252 -8.91 -5.86 -10.55
N LEU B 253 -8.01 -5.69 -9.57
CA LEU B 253 -6.60 -5.89 -9.80
C LEU B 253 -6.36 -7.39 -9.94
N ALA B 254 -5.55 -7.78 -10.93
CA ALA B 254 -5.26 -9.19 -11.16
C ALA B 254 -4.22 -9.75 -10.21
N GLN B 255 -4.46 -10.90 -9.62
CA GLN B 255 -3.36 -11.53 -8.94
C GLN B 255 -2.43 -12.05 -10.01
N GLY B 256 -1.12 -11.89 -9.82
CA GLY B 256 -0.16 -12.39 -10.78
C GLY B 256 -0.15 -13.92 -10.75
N PRO B 257 0.79 -14.58 -11.43
CA PRO B 257 0.88 -16.04 -11.48
C PRO B 257 0.82 -16.73 -10.11
N LYS B 258 -0.01 -17.76 -9.93
CA LYS B 258 -0.20 -18.37 -8.64
C LYS B 258 0.10 -19.85 -8.71
N PRO B 259 0.70 -20.49 -7.70
CA PRO B 259 1.00 -21.93 -7.71
C PRO B 259 -0.26 -22.77 -7.62
N GLY B 260 -0.18 -24.07 -7.75
CA GLY B 260 -1.34 -24.90 -7.59
C GLY B 260 -1.29 -25.35 -6.17
N GLN B 261 -2.08 -26.35 -5.82
CA GLN B 261 -2.12 -26.85 -4.46
C GLN B 261 -0.93 -27.78 -4.20
N THR B 262 -0.48 -28.47 -5.25
CA THR B 262 0.72 -29.28 -5.19
C THR B 262 1.67 -28.84 -6.27
N GLU B 263 2.89 -29.41 -6.22
CA GLU B 263 3.88 -29.08 -7.21
C GLU B 263 3.52 -29.73 -8.54
N VAL B 264 2.80 -30.88 -8.64
CA VAL B 264 2.63 -31.42 -9.97
C VAL B 264 1.66 -30.53 -10.74
N GLU B 265 0.76 -29.80 -10.05
CA GLU B 265 -0.13 -28.87 -10.76
C GLU B 265 0.63 -27.62 -11.17
N THR B 266 1.56 -27.17 -10.34
CA THR B 266 2.29 -25.96 -10.66
C THR B 266 3.07 -26.28 -11.92
N MET B 267 3.73 -27.44 -11.92
CA MET B 267 4.47 -27.86 -13.10
C MET B 267 3.60 -28.11 -14.33
N LYS B 268 2.47 -28.81 -14.25
CA LYS B 268 1.56 -28.93 -15.39
C LYS B 268 1.17 -27.59 -15.97
N LEU B 269 0.79 -26.66 -15.10
CA LEU B 269 0.38 -25.31 -15.48
C LEU B 269 1.51 -24.55 -16.18
N LEU B 270 2.74 -24.79 -15.74
CA LEU B 270 3.92 -24.21 -16.32
C LEU B 270 4.15 -24.78 -17.72
N ALA B 271 3.92 -26.10 -17.83
CA ALA B 271 4.08 -26.89 -19.05
C ALA B 271 3.18 -26.41 -20.17
N GLN B 272 2.11 -25.72 -19.81
CA GLN B 272 1.23 -25.14 -20.80
C GLN B 272 1.61 -23.72 -21.19
N LYS B 273 2.60 -23.11 -20.56
CA LYS B 273 2.97 -21.76 -20.91
C LYS B 273 3.83 -21.81 -22.16
N THR B 274 3.73 -20.86 -23.09
CA THR B 274 4.56 -20.99 -24.29
C THR B 274 6.05 -20.80 -23.99
N ALA B 275 6.38 -20.21 -22.84
CA ALA B 275 7.76 -20.05 -22.44
C ALA B 275 8.41 -21.41 -22.22
N ALA B 276 7.58 -22.42 -21.93
CA ALA B 276 8.08 -23.74 -21.72
C ALA B 276 8.53 -24.30 -23.09
N LEU B 277 7.62 -24.33 -24.07
CA LEU B 277 7.92 -24.87 -25.40
C LEU B 277 9.09 -24.13 -26.01
N ASP B 278 9.12 -22.80 -25.90
CA ASP B 278 10.27 -22.06 -26.37
C ASP B 278 11.60 -22.54 -25.80
N SER B 279 11.62 -23.00 -24.55
CA SER B 279 12.87 -23.40 -23.96
C SER B 279 13.25 -24.78 -24.48
N ILE B 280 12.26 -25.64 -24.77
CA ILE B 280 12.54 -26.95 -25.39
C ILE B 280 13.23 -26.67 -26.74
N LYS B 281 12.58 -25.93 -27.63
CA LYS B 281 13.15 -25.54 -28.88
C LYS B 281 14.51 -24.95 -28.68
N PHE B 282 14.77 -23.91 -27.88
CA PHE B 282 16.15 -23.36 -27.73
C PHE B 282 17.19 -24.37 -27.21
N GLN B 283 16.89 -25.19 -26.23
CA GLN B 283 17.87 -26.13 -25.73
C GLN B 283 18.10 -27.24 -26.73
N LEU B 284 17.07 -27.71 -27.47
CA LEU B 284 17.27 -28.71 -28.52
C LEU B 284 18.18 -28.09 -29.59
N ALA B 285 17.81 -26.92 -30.13
CA ALA B 285 18.63 -26.22 -31.10
C ALA B 285 20.07 -26.03 -30.65
N ALA B 286 20.27 -25.70 -29.38
CA ALA B 286 21.61 -25.52 -28.89
C ALA B 286 22.41 -26.81 -28.81
N SER B 287 21.81 -27.91 -28.41
CA SER B 287 22.57 -29.12 -28.22
C SER B 287 22.93 -29.81 -29.55
N THR B 288 22.31 -29.41 -30.67
CA THR B 288 22.54 -30.09 -31.94
C THR B 288 22.99 -29.17 -33.06
N GLY B 289 23.55 -28.01 -32.78
CA GLY B 289 24.02 -27.11 -33.82
C GLY B 289 22.95 -26.68 -34.83
N LYS B 290 21.66 -26.67 -34.48
CA LYS B 290 20.62 -26.21 -35.41
C LYS B 290 20.16 -24.79 -35.04
N LYS B 291 19.13 -24.25 -35.68
CA LYS B 291 18.56 -22.99 -35.26
C LYS B 291 17.27 -23.30 -34.52
N THR B 292 16.62 -22.35 -33.86
CA THR B 292 15.39 -22.64 -33.16
C THR B 292 14.23 -22.78 -34.13
N SER B 293 14.36 -22.18 -35.32
CA SER B 293 13.38 -22.34 -36.38
C SER B 293 13.35 -23.71 -37.01
N ASP B 294 14.33 -24.55 -36.75
CA ASP B 294 14.27 -25.90 -37.24
C ASP B 294 13.27 -26.72 -36.45
N TYR B 295 12.85 -26.25 -35.27
CA TYR B 295 11.90 -26.98 -34.46
C TYR B 295 10.55 -26.26 -34.43
N LYS B 296 9.65 -26.77 -35.25
CA LYS B 296 8.32 -26.22 -35.43
C LYS B 296 7.29 -27.34 -35.42
N GLU B 297 7.65 -28.47 -34.82
CA GLU B 297 6.74 -29.58 -34.64
C GLU B 297 5.93 -29.50 -33.35
N ASP B 298 5.62 -28.27 -32.87
CA ASP B 298 4.94 -27.95 -31.60
C ASP B 298 4.29 -29.04 -30.78
N GLU B 299 3.18 -29.61 -31.26
CA GLU B 299 2.47 -30.58 -30.48
C GLU B 299 3.27 -31.85 -30.30
N ASN B 300 4.00 -32.26 -31.34
CA ASN B 300 4.84 -33.44 -31.20
C ASN B 300 5.88 -33.27 -30.12
N LEU B 301 6.50 -32.09 -30.06
CA LEU B 301 7.46 -31.73 -29.00
C LEU B 301 6.82 -31.78 -27.61
N LYS B 302 5.63 -31.16 -27.50
CA LYS B 302 4.89 -31.09 -26.26
C LYS B 302 4.51 -32.46 -25.75
N THR B 303 4.06 -33.34 -26.62
CA THR B 303 3.70 -34.68 -26.18
C THR B 303 4.92 -35.51 -25.75
N GLU B 304 6.08 -35.29 -26.35
CA GLU B 304 7.27 -36.09 -26.04
C GLU B 304 7.76 -35.82 -24.63
N TYR B 305 7.86 -34.51 -24.39
CA TYR B 305 8.38 -33.98 -23.16
C TYR B 305 7.36 -33.88 -22.03
N PHE B 306 6.15 -33.36 -22.28
CA PHE B 306 5.21 -33.13 -21.20
C PHE B 306 4.10 -34.13 -21.17
N GLY B 307 3.77 -34.69 -22.31
CA GLY B 307 2.67 -35.62 -22.34
C GLY B 307 1.36 -34.92 -22.64
N LYS B 308 0.47 -35.78 -23.11
CA LYS B 308 -0.87 -35.44 -23.53
C LYS B 308 -1.58 -35.13 -22.22
N THR B 309 -2.21 -33.96 -22.03
CA THR B 309 -2.79 -33.65 -20.73
C THR B 309 -1.68 -33.67 -19.64
N GLU B 310 -0.47 -33.25 -20.02
CA GLU B 310 0.74 -33.22 -19.17
C GLU B 310 0.96 -34.47 -18.31
N SER B 311 0.77 -35.61 -18.93
CA SER B 311 0.84 -36.86 -18.20
C SER B 311 2.22 -37.25 -17.74
N ASN B 312 3.24 -36.62 -18.32
CA ASN B 312 4.60 -36.95 -17.94
C ASN B 312 5.06 -36.18 -16.71
N ILE B 313 4.39 -35.07 -16.37
CA ILE B 313 4.78 -34.21 -15.25
C ILE B 313 4.62 -34.83 -13.85
N GLU B 314 3.60 -35.66 -13.60
CA GLU B 314 3.40 -36.26 -12.28
C GLU B 314 4.65 -37.05 -11.96
N ALA B 315 5.07 -37.84 -12.96
CA ALA B 315 6.17 -38.75 -12.85
C ALA B 315 7.48 -38.02 -12.72
N LEU B 316 7.67 -36.97 -13.49
CA LEU B 316 8.87 -36.17 -13.39
C LEU B 316 8.97 -35.60 -11.98
N TRP B 317 7.85 -35.15 -11.37
CA TRP B 317 7.89 -34.66 -10.00
C TRP B 317 8.29 -35.78 -9.06
N ASN B 318 7.63 -36.93 -9.16
CA ASN B 318 7.96 -38.09 -8.34
C ASN B 318 9.44 -38.45 -8.41
N LYS B 319 10.10 -38.16 -9.52
CA LYS B 319 11.51 -38.46 -9.67
C LYS B 319 12.28 -37.43 -8.85
N VAL B 320 12.00 -36.13 -9.10
CA VAL B 320 12.65 -35.03 -8.38
C VAL B 320 12.48 -35.13 -6.86
N LYS B 321 11.27 -35.39 -6.36
CA LYS B 321 11.03 -35.39 -4.94
C LYS B 321 11.80 -36.43 -4.14
N GLU B 322 12.23 -37.53 -4.74
CA GLU B 322 12.88 -38.57 -3.97
C GLU B 322 14.42 -38.49 -4.03
N GLU B 323 14.98 -37.75 -4.98
CA GLU B 323 16.42 -37.66 -5.13
C GLU B 323 17.14 -37.07 -3.92
N LYS B 324 18.02 -37.88 -3.33
CA LYS B 324 18.94 -37.45 -2.30
C LYS B 324 19.97 -36.56 -2.97
N VAL B 325 20.25 -35.39 -2.41
CA VAL B 325 21.25 -34.47 -2.93
C VAL B 325 22.14 -34.02 -1.79
N LYS B 326 23.32 -33.50 -2.14
CA LYS B 326 24.28 -32.99 -1.17
C LYS B 326 24.44 -31.47 -1.18
N GLY B 327 24.95 -30.92 -0.08
CA GLY B 327 25.19 -29.49 -0.01
C GLY B 327 24.29 -28.76 0.97
N ALA B 328 23.11 -29.29 1.26
CA ALA B 328 22.10 -28.64 2.10
C ALA B 328 22.55 -28.25 3.51
N ASP B 329 23.40 -29.09 4.10
CA ASP B 329 23.92 -28.84 5.43
C ASP B 329 25.09 -27.91 5.23
N PRO B 330 25.29 -26.88 6.05
CA PRO B 330 26.40 -25.95 5.88
C PRO B 330 27.73 -26.37 6.50
N GLU B 331 27.77 -27.34 7.41
CA GLU B 331 29.02 -27.74 8.01
C GLU B 331 29.70 -28.79 7.16
N ASP B 332 28.93 -29.82 6.86
CA ASP B 332 29.37 -31.01 6.15
C ASP B 332 28.70 -31.15 4.77
N PRO B 333 29.27 -30.63 3.68
CA PRO B 333 28.75 -30.72 2.33
C PRO B 333 28.37 -32.11 1.82
N SER B 334 28.77 -33.20 2.47
CA SER B 334 28.50 -34.52 1.94
C SER B 334 27.34 -35.20 2.63
N LYS B 335 26.66 -34.50 3.52
CA LYS B 335 25.48 -35.08 4.11
C LYS B 335 24.37 -35.00 3.05
N GLU B 336 23.60 -36.07 2.85
CA GLU B 336 22.56 -36.08 1.84
C GLU B 336 21.19 -35.83 2.40
N SER B 337 20.35 -35.08 1.69
CA SER B 337 18.98 -34.87 2.09
C SER B 337 18.10 -35.04 0.87
N LYS B 338 16.90 -35.58 0.99
CA LYS B 338 16.00 -35.69 -0.15
C LYS B 338 15.43 -34.33 -0.53
N ILE B 339 15.16 -34.10 -1.82
CA ILE B 339 14.58 -32.84 -2.26
C ILE B 339 13.21 -32.56 -1.64
N SER B 340 12.32 -33.56 -1.43
CA SER B 340 11.06 -33.33 -0.75
C SER B 340 11.23 -32.70 0.63
N ASP B 341 12.32 -33.02 1.31
CA ASP B 341 12.53 -32.55 2.64
C ASP B 341 13.42 -31.35 2.71
N LEU B 342 13.65 -30.67 1.61
CA LEU B 342 14.56 -29.57 1.62
C LEU B 342 13.71 -28.34 1.35
N ASN B 343 13.37 -27.63 2.41
CA ASN B 343 12.41 -26.56 2.28
C ASN B 343 12.86 -25.16 2.59
N THR B 344 14.06 -24.74 2.23
CA THR B 344 14.41 -23.35 2.40
C THR B 344 15.31 -22.91 1.27
N GLU B 345 15.23 -21.67 0.85
CA GLU B 345 16.14 -21.16 -0.14
C GLU B 345 17.60 -21.23 0.32
N GLU B 346 17.93 -21.17 1.62
CA GLU B 346 19.34 -21.23 2.00
C GLU B 346 19.90 -22.64 1.74
N GLN B 347 19.20 -23.69 2.20
CA GLN B 347 19.54 -25.07 1.90
C GLN B 347 19.71 -25.33 0.39
N LEU B 348 18.67 -24.99 -0.38
CA LEU B 348 18.63 -25.20 -1.81
C LEU B 348 19.70 -24.40 -2.53
N GLN B 349 20.06 -23.20 -2.10
CA GLN B 349 21.15 -22.49 -2.75
C GLN B 349 22.46 -23.22 -2.49
N ARG B 350 22.61 -23.86 -1.31
CA ARG B 350 23.82 -24.61 -1.03
C ARG B 350 23.99 -25.86 -1.93
N VAL B 351 22.96 -26.71 -2.09
CA VAL B 351 22.97 -27.84 -3.03
C VAL B 351 23.39 -27.39 -4.44
N LEU B 352 22.88 -26.28 -4.95
CA LEU B 352 23.20 -25.80 -6.28
C LEU B 352 24.62 -25.32 -6.38
N ASP B 353 25.18 -24.73 -5.32
CA ASP B 353 26.57 -24.32 -5.31
C ASP B 353 27.46 -25.53 -5.25
N TYR B 354 26.98 -26.51 -4.50
CA TYR B 354 27.66 -27.76 -4.29
C TYR B 354 27.97 -28.39 -5.65
N TYR B 355 26.95 -28.75 -6.44
CA TYR B 355 27.14 -29.29 -7.78
C TYR B 355 27.88 -28.28 -8.64
N ALA B 356 27.67 -26.99 -8.51
CA ALA B 356 28.45 -26.06 -9.32
C ALA B 356 29.96 -26.17 -9.11
N VAL B 357 30.39 -26.67 -7.96
CA VAL B 357 31.80 -26.80 -7.71
C VAL B 357 32.21 -28.26 -7.80
N ALA B 358 31.29 -29.18 -7.54
CA ALA B 358 31.56 -30.61 -7.52
C ALA B 358 31.94 -31.21 -8.88
#